data_3Q6A
#
_entry.id   3Q6A
#
_cell.length_a   64.570
_cell.length_b   66.451
_cell.length_c   128.657
_cell.angle_alpha   90.00
_cell.angle_beta   90.12
_cell.angle_gamma   90.00
#
_symmetry.space_group_name_H-M   'P 1 21 1'
#
loop_
_entity.id
_entity.type
_entity.pdbx_description
1 polymer 'uncharacterized protein'
2 water water
#
_entity_poly.entity_id   1
_entity_poly.type   'polypeptide(L)'
_entity_poly.pdbx_seq_one_letter_code
;(MSE)DIITK(MSE)QVDVPRETVFEAFVDPEKIGGFWFSSSSERWEQGKTITLRYEEYDAELNINIERVEDNQLIAFTW
GAHPITIQFEESEAGTVVTTTEKDFDTQDVKQLLGQKEGWVY(MSE)LSCLKVYLEHGVTIRAAILL
;
_entity_poly.pdbx_strand_id   A,B,C,D,E,F,G,H
#
# COMPACT_ATOMS: atom_id res chain seq x y z
N MSE A 1 4.20 -0.32 10.26
CA MSE A 1 3.71 0.65 11.29
C MSE A 1 4.37 2.01 11.12
O MSE A 1 5.58 2.09 10.85
CB MSE A 1 4.01 0.13 12.69
CG MSE A 1 2.92 0.47 13.68
SE MSE A 1 3.56 0.86 15.44
CE MSE A 1 2.68 2.55 15.68
N ASP A 2 3.59 3.07 11.31
CA ASP A 2 4.12 4.43 11.18
C ASP A 2 4.19 5.14 12.55
N ILE A 3 5.23 5.95 12.75
CA ILE A 3 5.41 6.68 14.00
C ILE A 3 4.91 8.09 13.72
N ILE A 4 3.76 8.41 14.27
CA ILE A 4 3.11 9.70 14.05
C ILE A 4 3.14 10.53 15.30
N THR A 5 3.59 11.79 15.17
CA THR A 5 3.66 12.66 16.32
C THR A 5 3.09 14.03 15.95
N LYS A 6 2.29 14.58 16.84
CA LYS A 6 1.69 15.90 16.58
C LYS A 6 2.05 16.86 17.71
N MSE A 7 2.32 18.10 17.34
CA MSE A 7 2.68 19.12 18.34
C MSE A 7 2.06 20.46 17.97
O MSE A 7 2.14 20.90 16.82
CB MSE A 7 4.21 19.29 18.39
CG MSE A 7 4.69 20.34 19.40
SE MSE A 7 4.58 19.75 21.08
CE MSE A 7 6.13 19.18 21.24
N GLN A 8 1.47 21.10 18.97
CA GLN A 8 0.88 22.44 18.80
C GLN A 8 1.99 23.44 19.02
N VAL A 9 2.12 24.38 18.07
CA VAL A 9 3.11 25.44 18.16
C VAL A 9 2.32 26.75 17.95
N ASP A 10 2.35 27.61 18.96
CA ASP A 10 1.56 28.85 18.90
C ASP A 10 2.03 30.02 18.02
N VAL A 11 2.36 29.72 16.77
CA VAL A 11 2.78 30.74 15.81
C VAL A 11 2.12 30.32 14.49
N PRO A 12 2.04 31.23 13.50
CA PRO A 12 1.42 30.94 12.21
C PRO A 12 2.15 29.82 11.48
N ARG A 13 1.39 29.09 10.68
CA ARG A 13 1.87 27.97 9.90
C ARG A 13 3.05 28.32 9.01
N GLU A 14 3.02 29.51 8.41
CA GLU A 14 4.11 29.97 7.55
C GLU A 14 5.42 30.13 8.31
N THR A 15 5.35 30.62 9.55
CA THR A 15 6.54 30.78 10.38
C THR A 15 7.08 29.39 10.72
N VAL A 16 6.20 28.45 11.02
CA VAL A 16 6.70 27.09 11.34
C VAL A 16 7.36 26.47 10.10
N PHE A 17 6.73 26.62 8.94
CA PHE A 17 7.30 26.06 7.70
C PHE A 17 8.69 26.66 7.39
N GLU A 18 8.81 27.98 7.49
CA GLU A 18 10.09 28.63 7.23
C GLU A 18 11.16 28.14 8.22
N ALA A 19 10.76 27.74 9.42
CA ALA A 19 11.74 27.30 10.40
C ALA A 19 12.46 26.05 9.88
N PHE A 20 11.74 25.22 9.15
CA PHE A 20 12.33 23.99 8.61
C PHE A 20 13.13 24.21 7.32
N VAL A 21 12.55 24.92 6.37
CA VAL A 21 13.22 25.07 5.09
C VAL A 21 14.29 26.14 4.94
N ASP A 22 14.28 27.15 5.81
CA ASP A 22 15.27 28.24 5.78
C ASP A 22 16.56 27.78 6.44
N PRO A 23 17.65 27.70 5.67
CA PRO A 23 18.95 27.26 6.19
C PRO A 23 19.40 27.99 7.44
N GLU A 24 18.97 29.25 7.57
CA GLU A 24 19.38 30.05 8.72
C GLU A 24 18.56 29.84 9.98
N LYS A 25 17.45 29.12 9.88
CA LYS A 25 16.58 28.90 11.03
C LYS A 25 16.59 27.50 11.63
N ILE A 26 16.82 26.50 10.79
CA ILE A 26 16.76 25.13 11.26
C ILE A 26 17.64 24.81 12.48
N GLY A 27 18.77 25.52 12.60
CA GLY A 27 19.68 25.29 13.72
C GLY A 27 19.10 25.67 15.09
N GLY A 28 17.92 26.28 15.08
CA GLY A 28 17.32 26.63 16.36
C GLY A 28 16.70 25.42 17.04
N PHE A 29 16.50 24.33 16.29
CA PHE A 29 15.85 23.18 16.88
C PHE A 29 16.21 21.81 16.32
N TRP A 30 16.87 21.77 15.18
CA TRP A 30 17.22 20.46 14.60
C TRP A 30 18.64 20.54 14.02
N PHE A 31 18.82 20.20 12.75
CA PHE A 31 20.13 20.27 12.12
C PHE A 31 20.72 21.68 12.25
N SER A 32 22.04 21.76 12.35
CA SER A 32 22.72 23.05 12.49
C SER A 32 22.51 24.01 11.32
N SER A 33 22.39 23.46 10.11
CA SER A 33 22.19 24.27 8.92
C SER A 33 21.92 23.34 7.75
N SER A 34 21.46 23.93 6.64
CA SER A 34 21.17 23.19 5.41
C SER A 34 22.00 23.83 4.30
N SER A 35 22.45 23.04 3.33
CA SER A 35 23.26 23.59 2.24
C SER A 35 22.51 24.64 1.44
N GLU A 36 21.20 24.49 1.33
CA GLU A 36 20.35 25.47 0.67
C GLU A 36 18.90 25.32 1.15
N ARG A 37 18.04 26.26 0.75
CA ARG A 37 16.63 26.20 1.15
C ARG A 37 16.00 24.89 0.67
N TRP A 38 15.25 24.25 1.53
CA TRP A 38 14.59 23.00 1.16
C TRP A 38 13.58 23.29 0.05
N GLU A 39 13.77 22.66 -1.10
CA GLU A 39 12.89 22.83 -2.25
C GLU A 39 12.74 21.47 -2.92
N GLN A 40 11.56 21.23 -3.48
CA GLN A 40 11.25 19.97 -4.14
C GLN A 40 12.23 19.70 -5.25
N GLY A 41 12.79 18.48 -5.27
CA GLY A 41 13.72 18.12 -6.32
C GLY A 41 15.20 18.35 -6.04
N LYS A 42 15.51 18.90 -4.87
CA LYS A 42 16.90 19.20 -4.51
C LYS A 42 17.48 18.22 -3.51
N THR A 43 18.79 18.02 -3.58
CA THR A 43 19.47 17.17 -2.62
C THR A 43 20.05 18.17 -1.61
N ILE A 44 19.66 18.04 -0.34
CA ILE A 44 20.14 18.94 0.71
C ILE A 44 21.17 18.29 1.59
N THR A 45 22.28 18.98 1.81
CA THR A 45 23.31 18.48 2.68
C THR A 45 23.06 19.14 4.04
N LEU A 46 22.80 18.32 5.04
CA LEU A 46 22.52 18.82 6.37
C LEU A 46 23.71 18.65 7.28
N ARG A 47 23.92 19.65 8.13
CA ARG A 47 25.02 19.62 9.07
C ARG A 47 24.50 19.46 10.49
N TYR A 48 25.28 18.78 11.31
CA TYR A 48 24.96 18.60 12.71
C TYR A 48 26.31 18.81 13.36
N GLU A 49 26.60 20.07 13.69
CA GLU A 49 27.89 20.45 14.24
C GLU A 49 28.34 19.69 15.47
N GLU A 50 27.42 19.37 16.38
CA GLU A 50 27.80 18.66 17.59
C GLU A 50 28.57 17.37 17.30
N TYR A 51 28.26 16.71 16.20
CA TYR A 51 28.98 15.48 15.83
C TYR A 51 29.89 15.76 14.64
N ASP A 52 29.97 17.02 14.24
CA ASP A 52 30.79 17.39 13.10
C ASP A 52 30.46 16.38 12.01
N ALA A 53 29.15 16.15 11.84
CA ALA A 53 28.66 15.19 10.86
C ALA A 53 27.76 15.87 9.84
N LEU A 55 24.84 14.82 6.50
CA LEU A 55 24.07 13.79 5.83
C LEU A 55 23.30 14.42 4.68
N ASN A 56 22.88 13.60 3.72
CA ASN A 56 22.14 14.14 2.59
C ASN A 56 20.72 13.57 2.55
N ILE A 57 19.77 14.40 2.12
CA ILE A 57 18.40 13.94 1.91
C ILE A 57 17.90 14.53 0.61
N ASN A 58 17.08 13.76 -0.13
CA ASN A 58 16.53 14.30 -1.35
C ASN A 58 15.11 14.76 -1.02
N ILE A 59 14.84 16.04 -1.20
CA ILE A 59 13.49 16.56 -0.92
C ILE A 59 12.59 16.11 -2.07
N GLU A 60 11.65 15.22 -1.77
CA GLU A 60 10.77 14.68 -2.80
C GLU A 60 9.57 15.56 -3.11
N ARG A 61 8.96 16.09 -2.06
CA ARG A 61 7.79 16.94 -2.26
C ARG A 61 7.74 18.09 -1.29
N VAL A 62 7.26 19.22 -1.78
CA VAL A 62 7.07 20.37 -0.93
C VAL A 62 5.80 21.07 -1.37
N GLU A 63 4.90 21.29 -0.42
CA GLU A 63 3.67 22.04 -0.65
C GLU A 63 3.89 23.21 0.31
N ASP A 64 4.18 24.38 -0.24
CA ASP A 64 4.48 25.56 0.60
C ASP A 64 3.56 25.71 1.80
N ASN A 65 4.20 25.86 2.96
CA ASN A 65 3.54 26.04 4.25
C ASN A 65 2.60 24.93 4.61
N GLN A 66 2.80 23.75 4.01
CA GLN A 66 1.84 22.69 4.24
C GLN A 66 2.42 21.28 4.38
N LEU A 67 3.38 20.96 3.52
CA LEU A 67 3.98 19.62 3.57
C LEU A 67 5.40 19.53 3.03
N ILE A 68 6.19 18.63 3.63
CA ILE A 68 7.56 18.39 3.21
C ILE A 68 7.70 16.88 3.31
N ALA A 69 8.23 16.27 2.26
CA ALA A 69 8.41 14.82 2.25
C ALA A 69 9.78 14.46 1.71
N PHE A 70 10.44 13.51 2.37
CA PHE A 70 11.73 12.98 1.95
C PHE A 70 11.85 11.60 2.56
N THR A 71 12.89 10.87 2.16
CA THR A 71 13.08 9.53 2.70
C THR A 71 14.42 9.44 3.41
N TRP A 72 14.42 8.77 4.55
CA TRP A 72 15.65 8.55 5.30
C TRP A 72 15.79 7.02 5.41
N GLY A 73 16.86 6.46 4.87
CA GLY A 73 17.02 5.01 4.93
C GLY A 73 15.88 4.35 4.18
N ALA A 74 15.19 3.42 4.83
CA ALA A 74 14.05 2.74 4.19
C ALA A 74 12.77 3.22 4.87
N HIS A 75 12.78 4.48 5.33
CA HIS A 75 11.64 5.06 6.03
C HIS A 75 11.18 6.41 5.46
N PRO A 76 10.11 6.41 4.66
CA PRO A 76 9.63 7.68 4.12
C PRO A 76 9.16 8.54 5.29
N ILE A 77 9.31 9.84 5.14
CA ILE A 77 8.94 10.79 6.19
C ILE A 77 8.12 11.92 5.61
N THR A 78 7.13 12.40 6.38
CA THR A 78 6.36 13.57 5.97
C THR A 78 6.26 14.48 7.20
N ILE A 79 6.30 15.79 6.95
CA ILE A 79 6.18 16.80 8.00
C ILE A 79 5.09 17.68 7.44
N GLN A 80 3.98 17.76 8.18
CA GLN A 80 2.84 18.52 7.74
C GLN A 80 2.52 19.65 8.69
N PHE A 81 2.02 20.73 8.13
CA PHE A 81 1.67 21.92 8.89
C PHE A 81 0.22 22.28 8.62
N GLU A 82 -0.57 22.38 9.69
CA GLU A 82 -1.97 22.75 9.57
C GLU A 82 -2.32 23.84 10.56
N GLU A 83 -3.22 24.73 10.15
CA GLU A 83 -3.64 25.83 11.02
C GLU A 83 -4.50 25.31 12.17
N SER A 84 -4.32 25.93 13.34
CA SER A 84 -5.09 25.60 14.52
C SER A 84 -5.47 26.97 15.09
N GLU A 85 -6.46 27.01 15.98
CA GLU A 85 -6.90 28.28 16.53
C GLU A 85 -5.79 29.19 17.07
N ALA A 86 -4.89 28.63 17.88
CA ALA A 86 -3.79 29.38 18.48
C ALA A 86 -2.49 29.38 17.66
N GLY A 87 -2.46 28.60 16.58
CA GLY A 87 -1.25 28.61 15.78
C GLY A 87 -1.16 27.52 14.73
N THR A 88 -0.33 26.54 15.02
CA THR A 88 -0.08 25.48 14.07
C THR A 88 0.01 24.14 14.76
N VAL A 89 -0.44 23.10 14.05
CA VAL A 89 -0.32 21.72 14.52
C VAL A 89 0.63 21.10 13.48
N VAL A 90 1.76 20.60 13.97
CA VAL A 90 2.76 19.98 13.11
C VAL A 90 2.61 18.49 13.31
N THR A 91 2.58 17.72 12.22
CA THR A 91 2.43 16.29 12.32
C THR A 91 3.63 15.71 11.58
N THR A 92 4.43 14.90 12.27
CA THR A 92 5.57 14.25 11.66
C THR A 92 5.20 12.77 11.57
N THR A 93 5.55 12.16 10.43
CA THR A 93 5.27 10.75 10.25
C THR A 93 6.51 10.10 9.68
N GLU A 94 6.98 9.03 10.33
CA GLU A 94 8.13 8.29 9.82
C GLU A 94 7.50 6.91 9.60
N LYS A 95 7.56 6.45 8.36
CA LYS A 95 6.87 5.23 7.97
C LYS A 95 7.64 3.93 7.80
N ASP A 96 6.86 2.86 7.82
CA ASP A 96 7.31 1.50 7.59
C ASP A 96 8.29 0.85 8.54
N PHE A 97 7.84 0.69 9.78
CA PHE A 97 8.62 0.06 10.83
C PHE A 97 8.01 -1.29 11.15
N ASP A 98 8.83 -2.23 11.64
CA ASP A 98 8.33 -3.54 12.02
C ASP A 98 7.94 -3.42 13.49
N THR A 99 6.97 -4.21 13.91
CA THR A 99 6.54 -4.18 15.30
C THR A 99 7.39 -5.14 16.12
N GLN A 100 8.60 -5.39 15.64
CA GLN A 100 9.53 -6.29 16.31
C GLN A 100 10.43 -5.51 17.26
N ASP A 101 11.30 -4.68 16.69
CA ASP A 101 12.19 -3.86 17.49
C ASP A 101 11.39 -2.75 18.15
N VAL A 102 10.91 -3.01 19.36
CA VAL A 102 10.14 -2.02 20.11
C VAL A 102 11.08 -0.90 20.52
N LYS A 103 12.35 -1.27 20.76
CA LYS A 103 13.37 -0.30 21.16
C LYS A 103 13.61 0.71 20.04
N GLN A 104 13.54 0.25 18.79
CA GLN A 104 13.73 1.12 17.63
C GLN A 104 12.54 2.09 17.52
N LEU A 105 11.33 1.58 17.70
CA LEU A 105 10.13 2.41 17.63
C LEU A 105 10.15 3.46 18.75
N LEU A 106 10.53 3.03 19.95
CA LEU A 106 10.56 3.91 21.10
C LEU A 106 11.66 4.96 20.95
N GLY A 107 12.79 4.57 20.38
CA GLY A 107 13.87 5.50 20.16
C GLY A 107 13.54 6.55 19.12
N GLN A 108 12.89 6.13 18.04
CA GLN A 108 12.50 7.09 17.02
C GLN A 108 11.39 8.01 17.52
N LYS A 109 10.46 7.46 18.29
CA LYS A 109 9.36 8.26 18.83
C LYS A 109 9.96 9.38 19.70
N GLU A 110 10.91 9.00 20.54
CA GLU A 110 11.60 9.92 21.42
C GLU A 110 12.21 11.03 20.57
N GLY A 111 12.86 10.63 19.48
CA GLY A 111 13.49 11.59 18.58
C GLY A 111 12.50 12.62 18.06
N TRP A 112 11.35 12.17 17.55
CA TRP A 112 10.39 13.12 16.99
C TRP A 112 9.80 14.02 18.05
N VAL A 113 9.46 13.45 19.21
CA VAL A 113 8.86 14.25 20.28
C VAL A 113 9.81 15.34 20.75
N TYR A 114 11.08 14.96 20.95
CA TYR A 114 12.08 15.92 21.39
C TYR A 114 12.32 17.01 20.34
N MSE A 115 12.46 16.65 19.08
CA MSE A 115 12.64 17.67 18.03
C MSE A 115 11.48 18.65 17.99
O MSE A 115 11.69 19.86 17.86
CB MSE A 115 12.78 17.00 16.65
CG MSE A 115 13.07 17.99 15.49
SE MSE A 115 11.62 18.88 14.77
CE MSE A 115 10.94 17.53 13.68
N LEU A 116 10.26 18.15 18.11
CA LEU A 116 9.11 19.04 18.06
C LEU A 116 9.05 19.95 19.28
N SER A 117 9.54 19.45 20.42
CA SER A 117 9.59 20.24 21.64
C SER A 117 10.63 21.34 21.46
N CYS A 118 11.77 21.01 20.86
CA CYS A 118 12.80 22.01 20.61
C CYS A 118 12.22 23.08 19.66
N LEU A 119 11.45 22.64 18.68
CA LEU A 119 10.83 23.56 17.72
C LEU A 119 9.88 24.52 18.43
N LYS A 120 9.04 23.96 19.30
CA LYS A 120 8.06 24.77 20.04
C LYS A 120 8.73 25.91 20.86
N VAL A 121 9.77 25.59 21.63
CA VAL A 121 10.46 26.62 22.44
C VAL A 121 11.15 27.64 21.55
N TYR A 122 11.85 27.16 20.53
CA TYR A 122 12.52 28.07 19.63
C TYR A 122 11.53 29.10 19.04
N LEU A 123 10.41 28.63 18.48
CA LEU A 123 9.48 29.57 17.85
C LEU A 123 8.63 30.37 18.82
N GLU A 124 8.27 29.78 19.93
CA GLU A 124 7.42 30.50 20.90
C GLU A 124 8.20 31.39 21.85
N HIS A 125 9.47 31.07 22.09
CA HIS A 125 10.22 31.87 23.05
C HIS A 125 11.53 32.47 22.61
N GLY A 126 11.99 32.13 21.41
CA GLY A 126 13.24 32.70 20.94
C GLY A 126 14.48 32.22 21.69
N VAL A 127 14.37 31.08 22.38
CA VAL A 127 15.51 30.50 23.08
C VAL A 127 15.55 29.05 22.64
N THR A 128 16.69 28.39 22.82
CA THR A 128 16.82 27.02 22.38
C THR A 128 17.34 26.03 23.41
N ILE A 129 17.03 24.76 23.19
CA ILE A 129 17.56 23.71 24.04
C ILE A 129 18.32 22.80 23.05
N ARG A 130 19.40 22.18 23.53
CA ARG A 130 20.26 21.31 22.72
C ARG A 130 19.58 20.49 21.62
N ALA A 131 19.91 20.80 20.37
CA ALA A 131 19.32 20.09 19.22
C ALA A 131 19.89 18.68 19.04
N ALA A 132 19.02 17.73 18.69
CA ALA A 132 19.43 16.34 18.46
C ALA A 132 19.37 16.02 16.97
N ILE A 133 20.18 15.04 16.54
CA ILE A 133 20.26 14.66 15.12
C ILE A 133 19.00 13.97 14.55
N LEU A 134 18.42 13.09 15.36
CA LEU A 134 17.22 12.33 14.98
C LEU A 134 17.44 11.32 13.85
N LEU A 135 18.00 11.77 12.73
CA LEU A 135 18.24 10.88 11.60
C LEU A 135 19.63 10.26 11.61
N MSE B 1 37.72 -13.33 -16.16
CA MSE B 1 36.90 -12.15 -16.55
C MSE B 1 35.66 -12.02 -15.67
O MSE B 1 34.87 -12.96 -15.56
CB MSE B 1 36.44 -12.28 -18.01
CG MSE B 1 37.13 -11.33 -18.96
SE MSE B 1 36.03 -9.81 -19.49
CE MSE B 1 36.50 -8.59 -18.06
N ASP B 2 35.51 -10.86 -15.04
CA ASP B 2 34.34 -10.58 -14.20
C ASP B 2 33.50 -9.52 -14.96
N ILE B 3 32.18 -9.61 -14.86
CA ILE B 3 31.30 -8.65 -15.54
C ILE B 3 30.82 -7.75 -14.43
N ILE B 4 31.32 -6.51 -14.44
CA ILE B 4 31.01 -5.54 -13.40
C ILE B 4 30.19 -4.41 -13.97
N THR B 5 29.06 -4.12 -13.30
CA THR B 5 28.16 -3.06 -13.76
C THR B 5 27.80 -2.18 -12.56
N LYS B 6 27.80 -0.88 -12.78
CA LYS B 6 27.46 0.04 -11.69
C LYS B 6 26.32 0.92 -12.13
N MSE B 7 25.38 1.18 -11.21
CA MSE B 7 24.24 2.04 -11.51
C MSE B 7 23.89 2.94 -10.35
O MSE B 7 23.82 2.49 -9.19
CB MSE B 7 22.98 1.20 -11.81
CG MSE B 7 21.76 2.04 -12.18
SE MSE B 7 21.84 2.69 -13.85
CE MSE B 7 20.75 1.74 -14.47
N GLN B 8 23.65 4.20 -10.67
CA GLN B 8 23.25 5.21 -9.68
C GLN B 8 21.72 5.14 -9.58
N VAL B 9 21.25 5.04 -8.35
CA VAL B 9 19.82 5.01 -8.03
C VAL B 9 19.60 6.09 -6.96
N ASP B 10 18.80 7.08 -7.30
CA ASP B 10 18.58 8.21 -6.40
C ASP B 10 17.68 8.04 -5.19
N VAL B 11 17.93 7.00 -4.38
CA VAL B 11 17.19 6.76 -3.15
C VAL B 11 18.26 6.23 -2.17
N PRO B 12 17.97 6.23 -0.86
CA PRO B 12 18.90 5.75 0.16
C PRO B 12 19.27 4.29 -0.03
N ARG B 13 20.47 3.95 0.37
CA ARG B 13 21.01 2.60 0.24
C ARG B 13 20.12 1.55 0.91
N GLU B 14 19.56 1.87 2.06
CA GLU B 14 18.67 0.94 2.75
C GLU B 14 17.45 0.60 1.91
N THR B 15 16.90 1.58 1.21
CA THR B 15 15.73 1.35 0.36
C THR B 15 16.14 0.43 -0.80
N VAL B 16 17.32 0.67 -1.37
CA VAL B 16 17.75 -0.19 -2.49
C VAL B 16 17.99 -1.63 -1.98
N PHE B 17 18.59 -1.76 -0.80
CA PHE B 17 18.85 -3.10 -0.26
C PHE B 17 17.52 -3.84 -0.01
N GLU B 18 16.55 -3.15 0.56
CA GLU B 18 15.26 -3.77 0.83
C GLU B 18 14.56 -4.21 -0.46
N ALA B 19 14.82 -3.52 -1.57
CA ALA B 19 14.17 -3.86 -2.83
C ALA B 19 14.58 -5.26 -3.27
N PHE B 20 15.83 -5.63 -2.97
CA PHE B 20 16.31 -6.98 -3.35
C PHE B 20 15.90 -8.07 -2.37
N VAL B 21 16.09 -7.82 -1.08
CA VAL B 21 15.80 -8.87 -0.12
C VAL B 21 14.36 -9.07 0.34
N ASP B 22 13.50 -8.06 0.18
CA ASP B 22 12.09 -8.15 0.59
C ASP B 22 11.31 -8.88 -0.49
N PRO B 23 10.75 -10.06 -0.18
CA PRO B 23 9.97 -10.86 -1.14
C PRO B 23 8.87 -10.10 -1.85
N GLU B 24 8.34 -9.08 -1.18
CA GLU B 24 7.25 -8.28 -1.75
C GLU B 24 7.70 -7.13 -2.66
N LYS B 25 8.99 -6.84 -2.70
CA LYS B 25 9.49 -5.75 -3.54
C LYS B 25 10.27 -6.17 -4.80
N ILE B 26 10.90 -7.33 -4.74
CA ILE B 26 11.74 -7.74 -5.87
C ILE B 26 11.03 -7.81 -7.22
N GLY B 27 9.73 -8.15 -7.19
CA GLY B 27 8.94 -8.23 -8.42
C GLY B 27 8.81 -6.93 -9.18
N GLY B 28 9.27 -5.84 -8.56
CA GLY B 28 9.19 -4.57 -9.25
C GLY B 28 10.26 -4.44 -10.33
N PHE B 29 11.27 -5.30 -10.29
CA PHE B 29 12.36 -5.15 -11.24
C PHE B 29 13.11 -6.41 -11.65
N TRP B 30 12.93 -7.49 -10.91
CA TRP B 30 13.65 -8.72 -11.23
C TRP B 30 12.70 -9.90 -11.05
N PHE B 31 13.11 -10.90 -10.25
CA PHE B 31 12.26 -12.06 -10.00
C PHE B 31 10.90 -11.62 -9.46
N SER B 32 9.86 -12.37 -9.82
CA SER B 32 8.49 -12.06 -9.38
C SER B 32 8.30 -12.05 -7.88
N SER B 33 9.01 -12.94 -7.19
CA SER B 33 8.94 -13.03 -5.75
C SER B 33 10.00 -14.01 -5.26
N SER B 34 10.23 -13.99 -3.94
CA SER B 34 11.18 -14.84 -3.24
C SER B 34 10.41 -15.66 -2.21
N SER B 35 10.81 -16.90 -1.94
CA SER B 35 10.11 -17.74 -0.97
C SER B 35 10.15 -17.12 0.43
N GLU B 36 11.25 -16.46 0.75
CA GLU B 36 11.41 -15.75 2.03
C GLU B 36 12.43 -14.62 1.87
N ARG B 37 12.54 -13.76 2.89
CA ARG B 37 13.50 -12.65 2.84
C ARG B 37 14.90 -13.20 2.65
N TRP B 38 15.69 -12.57 1.79
CA TRP B 38 17.06 -13.01 1.55
C TRP B 38 17.86 -12.83 2.84
N GLU B 39 18.37 -13.94 3.37
CA GLU B 39 19.15 -13.91 4.59
C GLU B 39 20.31 -14.87 4.44
N GLN B 40 21.44 -14.55 5.07
CA GLN B 40 22.64 -15.36 4.98
C GLN B 40 22.37 -16.78 5.45
N GLY B 41 22.80 -17.77 4.67
CA GLY B 41 22.60 -19.15 5.05
C GLY B 41 21.32 -19.83 4.58
N LYS B 42 20.43 -19.08 3.93
CA LYS B 42 19.16 -19.61 3.48
C LYS B 42 19.15 -19.96 2.00
N THR B 43 18.35 -20.97 1.64
CA THR B 43 18.19 -21.34 0.25
C THR B 43 16.88 -20.66 -0.13
N ILE B 44 16.95 -19.76 -1.11
CA ILE B 44 15.76 -19.02 -1.56
C ILE B 44 15.24 -19.55 -2.87
N THR B 45 13.93 -19.79 -2.93
CA THR B 45 13.28 -20.23 -4.15
C THR B 45 12.74 -18.98 -4.83
N LEU B 46 13.24 -18.70 -6.03
CA LEU B 46 12.80 -17.52 -6.76
C LEU B 46 11.82 -17.87 -7.85
N ARG B 47 10.80 -17.04 -8.00
CA ARG B 47 9.79 -17.24 -9.01
C ARG B 47 9.97 -16.22 -10.12
N TYR B 48 9.61 -16.62 -11.34
CA TYR B 48 9.67 -15.71 -12.46
C TYR B 48 8.39 -16.07 -13.21
N GLU B 49 7.29 -15.45 -12.79
CA GLU B 49 5.98 -15.75 -13.37
C GLU B 49 5.90 -15.78 -14.88
N GLU B 50 6.57 -14.85 -15.56
CA GLU B 50 6.49 -14.81 -17.02
C GLU B 50 6.80 -16.14 -17.70
N TYR B 51 7.78 -16.88 -17.19
CA TYR B 51 8.13 -18.19 -17.77
C TYR B 51 7.60 -19.29 -16.88
N ASP B 52 6.78 -18.93 -15.89
CA ASP B 52 6.26 -19.91 -14.95
C ASP B 52 7.44 -20.78 -14.56
N ALA B 53 8.54 -20.12 -14.22
CA ALA B 53 9.77 -20.79 -13.84
C ALA B 53 10.11 -20.54 -12.38
N GLU B 54 10.96 -21.41 -11.84
CA GLU B 54 11.35 -21.34 -10.46
C GLU B 54 12.81 -21.79 -10.36
N LEU B 55 13.63 -21.06 -9.62
CA LEU B 55 15.02 -21.43 -9.45
C LEU B 55 15.47 -21.22 -8.00
N ASN B 56 16.50 -21.93 -7.57
CA ASN B 56 16.97 -21.79 -6.19
C ASN B 56 18.37 -21.20 -6.15
N ILE B 57 18.65 -20.39 -5.12
CA ILE B 57 19.99 -19.85 -4.91
C ILE B 57 20.29 -19.93 -3.42
N ASN B 58 21.53 -20.23 -3.06
CA ASN B 58 21.88 -20.25 -1.65
C ASN B 58 22.54 -18.91 -1.33
N ILE B 59 21.95 -18.15 -0.41
CA ILE B 59 22.53 -16.85 -0.04
C ILE B 59 23.73 -17.13 0.83
N GLU B 60 24.92 -16.81 0.32
CA GLU B 60 26.17 -17.08 1.03
C GLU B 60 26.55 -16.04 2.06
N ARG B 61 26.41 -14.78 1.68
CA ARG B 61 26.75 -13.69 2.59
C ARG B 61 25.83 -12.52 2.46
N VAL B 62 25.52 -11.92 3.59
CA VAL B 62 24.72 -10.71 3.56
C VAL B 62 25.28 -9.75 4.60
N GLU B 63 25.60 -8.54 4.17
CA GLU B 63 26.04 -7.47 5.06
C GLU B 63 24.90 -6.46 4.86
N ASP B 64 24.05 -6.31 5.89
CA ASP B 64 22.89 -5.41 5.79
C ASP B 64 23.16 -4.09 5.10
N ASN B 65 22.31 -3.78 4.11
CA ASN B 65 22.36 -2.55 3.32
C ASN B 65 23.69 -2.34 2.65
N GLN B 66 24.45 -3.41 2.46
CA GLN B 66 25.78 -3.25 1.92
C GLN B 66 26.25 -4.30 0.89
N LEU B 67 25.95 -5.57 1.16
CA LEU B 67 26.39 -6.63 0.24
C LEU B 67 25.56 -7.90 0.29
N ILE B 68 25.37 -8.54 -0.87
CA ILE B 68 24.63 -9.80 -0.96
C ILE B 68 25.50 -10.62 -1.90
N ALA B 69 25.76 -11.87 -1.52
CA ALA B 69 26.59 -12.74 -2.36
C ALA B 69 25.97 -14.13 -2.45
N PHE B 70 25.95 -14.68 -3.66
CA PHE B 70 25.47 -16.04 -3.92
C PHE B 70 26.13 -16.50 -5.20
N THR B 71 25.96 -17.78 -5.54
CA THR B 71 26.55 -18.30 -6.76
C THR B 71 25.45 -18.82 -7.66
N TRP B 72 25.63 -18.60 -8.96
CA TRP B 72 24.67 -19.11 -9.94
C TRP B 72 25.55 -19.91 -10.90
N GLY B 73 25.27 -21.20 -11.06
CA GLY B 73 26.09 -22.01 -11.95
C GLY B 73 27.52 -22.03 -11.44
N ALA B 74 28.48 -21.76 -12.31
CA ALA B 74 29.88 -21.71 -11.91
C ALA B 74 30.31 -20.23 -11.87
N HIS B 75 29.36 -19.35 -11.57
CA HIS B 75 29.68 -17.92 -11.53
C HIS B 75 29.29 -17.21 -10.22
N PRO B 76 30.27 -16.96 -9.33
CA PRO B 76 29.95 -16.27 -8.09
C PRO B 76 29.44 -14.87 -8.43
N ILE B 77 28.50 -14.39 -7.64
CA ILE B 77 27.88 -13.08 -7.85
C ILE B 77 27.89 -12.26 -6.58
N THR B 78 28.12 -10.94 -6.72
CA THR B 78 28.03 -10.07 -5.55
C THR B 78 27.23 -8.84 -5.99
N ILE B 79 26.39 -8.34 -5.08
CA ILE B 79 25.60 -7.12 -5.34
C ILE B 79 25.96 -6.23 -4.18
N GLN B 80 26.51 -5.06 -4.47
CA GLN B 80 26.95 -4.16 -3.40
C GLN B 80 26.22 -2.85 -3.47
N PHE B 81 26.05 -2.23 -2.30
CA PHE B 81 25.35 -0.97 -2.19
C PHE B 81 26.23 0.00 -1.42
N GLU B 82 26.49 1.16 -2.01
CA GLU B 82 27.31 2.18 -1.38
C GLU B 82 26.62 3.53 -1.51
N GLU B 83 26.76 4.38 -0.51
CA GLU B 83 26.13 5.70 -0.57
C GLU B 83 26.82 6.62 -1.57
N SER B 84 26.03 7.48 -2.18
CA SER B 84 26.52 8.48 -3.13
C SER B 84 25.78 9.77 -2.75
N GLU B 85 26.24 10.91 -3.23
CA GLU B 85 25.59 12.18 -2.88
C GLU B 85 24.08 12.18 -3.05
N ALA B 86 23.60 11.75 -4.22
CA ALA B 86 22.17 11.72 -4.54
C ALA B 86 21.44 10.42 -4.15
N GLY B 87 22.18 9.43 -3.66
CA GLY B 87 21.51 8.20 -3.28
C GLY B 87 22.41 7.01 -3.10
N THR B 88 22.36 6.11 -4.06
CA THR B 88 23.10 4.86 -3.95
C THR B 88 23.76 4.46 -5.26
N VAL B 89 24.92 3.82 -5.18
CA VAL B 89 25.56 3.28 -6.38
C VAL B 89 25.52 1.77 -6.12
N VAL B 90 24.91 1.03 -7.04
CA VAL B 90 24.81 -0.41 -6.90
C VAL B 90 25.84 -1.00 -7.85
N THR B 91 26.59 -2.01 -7.39
CA THR B 91 27.60 -2.61 -8.24
C THR B 91 27.30 -4.09 -8.24
N THR B 92 27.07 -4.64 -9.43
CA THR B 92 26.82 -6.07 -9.57
C THR B 92 28.07 -6.65 -10.20
N THR B 93 28.46 -7.83 -9.74
CA THR B 93 29.63 -8.48 -10.29
C THR B 93 29.32 -9.94 -10.46
N GLU B 94 29.47 -10.45 -11.68
CA GLU B 94 29.26 -11.87 -11.98
C GLU B 94 30.66 -12.31 -12.40
N LYS B 95 31.21 -13.28 -11.67
CA LYS B 95 32.59 -13.69 -11.88
C LYS B 95 32.90 -14.98 -12.62
N ASP B 96 34.16 -15.04 -13.04
CA ASP B 96 34.78 -16.18 -13.70
C ASP B 96 34.27 -16.61 -15.06
N PHE B 97 34.39 -15.72 -16.03
CA PHE B 97 33.98 -15.99 -17.41
C PHE B 97 35.23 -16.12 -18.26
N ASP B 98 35.11 -16.85 -19.37
CA ASP B 98 36.23 -17.02 -20.28
C ASP B 98 36.10 -15.92 -21.33
N THR B 99 37.21 -15.31 -21.72
CA THR B 99 37.18 -14.25 -22.72
C THR B 99 37.00 -14.86 -24.11
N GLN B 100 36.58 -16.13 -24.14
CA GLN B 100 36.38 -16.83 -25.41
C GLN B 100 34.96 -16.61 -25.91
N ASP B 101 33.98 -16.92 -25.08
CA ASP B 101 32.58 -16.74 -25.45
C ASP B 101 32.19 -15.27 -25.25
N VAL B 102 32.46 -14.45 -26.26
CA VAL B 102 32.14 -13.04 -26.20
C VAL B 102 30.64 -12.83 -26.22
N LYS B 103 29.93 -13.63 -27.03
CA LYS B 103 28.48 -13.53 -27.11
C LYS B 103 27.86 -13.77 -25.74
N GLN B 104 28.50 -14.63 -24.93
CA GLN B 104 28.01 -14.91 -23.60
C GLN B 104 28.29 -13.71 -22.67
N LEU B 105 29.49 -13.14 -22.75
CA LEU B 105 29.84 -12.00 -21.92
C LEU B 105 28.88 -10.84 -22.25
N LEU B 106 28.61 -10.66 -23.53
CA LEU B 106 27.73 -9.59 -23.98
C LEU B 106 26.29 -9.82 -23.53
N GLY B 107 25.86 -11.09 -23.57
CA GLY B 107 24.52 -11.43 -23.12
C GLY B 107 24.34 -11.22 -21.64
N GLN B 108 25.33 -11.62 -20.85
CA GLN B 108 25.22 -11.42 -19.42
C GLN B 108 25.31 -9.93 -19.07
N LYS B 109 26.17 -9.19 -19.76
CA LYS B 109 26.30 -7.75 -19.50
C LYS B 109 24.95 -7.06 -19.74
N GLU B 110 24.29 -7.44 -20.84
CA GLU B 110 22.98 -6.90 -21.17
C GLU B 110 22.02 -7.16 -20.01
N GLY B 111 22.05 -8.37 -19.49
CA GLY B 111 21.16 -8.75 -18.39
C GLY B 111 21.37 -7.87 -17.17
N TRP B 112 22.62 -7.64 -16.78
CA TRP B 112 22.87 -6.84 -15.59
C TRP B 112 22.46 -5.40 -15.81
N VAL B 113 22.81 -4.84 -16.97
CA VAL B 113 22.47 -3.44 -17.24
C VAL B 113 20.95 -3.25 -17.27
N TYR B 114 20.25 -4.17 -17.92
CA TYR B 114 18.80 -4.08 -17.98
C TYR B 114 18.17 -4.22 -16.61
N MSE B 115 18.61 -5.19 -15.81
CA MSE B 115 18.02 -5.36 -14.48
C MSE B 115 18.18 -4.10 -13.63
O MSE B 115 17.26 -3.68 -12.93
CB MSE B 115 18.63 -6.55 -13.73
CG MSE B 115 18.02 -6.81 -12.33
SE MSE B 115 18.75 -5.82 -10.94
CE MSE B 115 20.28 -6.84 -10.66
N LEU B 116 19.37 -3.51 -13.68
CA LEU B 116 19.66 -2.32 -12.89
C LEU B 116 18.83 -1.14 -13.37
N SER B 117 18.55 -1.08 -14.68
CA SER B 117 17.70 0.01 -15.19
C SER B 117 16.27 -0.17 -14.69
N CYS B 118 15.80 -1.42 -14.65
CA CYS B 118 14.46 -1.73 -14.15
C CYS B 118 14.40 -1.32 -12.68
N LEU B 119 15.49 -1.60 -11.97
CA LEU B 119 15.57 -1.25 -10.55
C LEU B 119 15.48 0.27 -10.37
N LYS B 120 16.22 1.00 -11.19
CA LYS B 120 16.23 2.47 -11.11
C LYS B 120 14.83 3.08 -11.30
N VAL B 121 14.10 2.65 -12.32
CA VAL B 121 12.75 3.20 -12.56
C VAL B 121 11.79 2.82 -11.46
N TYR B 122 11.83 1.56 -11.04
CA TYR B 122 10.97 1.12 -9.96
C TYR B 122 11.16 1.95 -8.69
N LEU B 123 12.40 2.18 -8.27
CA LEU B 123 12.61 2.92 -7.03
C LEU B 123 12.49 4.43 -7.16
N GLU B 124 12.87 4.97 -8.31
CA GLU B 124 12.81 6.41 -8.48
C GLU B 124 11.45 6.91 -8.93
N HIS B 125 10.69 6.05 -9.61
CA HIS B 125 9.40 6.51 -10.13
C HIS B 125 8.17 5.71 -9.76
N GLY B 126 8.35 4.60 -9.04
CA GLY B 126 7.20 3.80 -8.65
C GLY B 126 6.44 3.17 -9.79
N VAL B 127 7.10 3.01 -10.95
CA VAL B 127 6.48 2.36 -12.09
C VAL B 127 7.48 1.30 -12.56
N THR B 128 7.01 0.34 -13.32
CA THR B 128 7.89 -0.73 -13.77
C THR B 128 7.90 -1.01 -15.26
N ILE B 129 9.00 -1.61 -15.72
CA ILE B 129 9.10 -2.04 -17.10
C ILE B 129 9.38 -3.54 -16.99
N ARG B 130 8.84 -4.31 -17.92
CA ARG B 130 8.99 -5.77 -17.93
C ARG B 130 10.28 -6.28 -17.32
N ALA B 131 10.17 -7.19 -16.34
CA ALA B 131 11.35 -7.76 -15.68
C ALA B 131 11.88 -8.98 -16.43
N ALA B 132 13.20 -9.13 -16.47
CA ALA B 132 13.85 -10.27 -17.14
C ALA B 132 14.47 -11.21 -16.10
N ILE B 133 14.60 -12.50 -16.43
CA ILE B 133 15.18 -13.47 -15.50
C ILE B 133 16.65 -13.29 -15.14
N LEU B 134 17.46 -12.95 -16.14
CA LEU B 134 18.89 -12.74 -15.96
C LEU B 134 19.64 -14.06 -15.69
N LEU B 135 19.20 -14.81 -14.68
CA LEU B 135 19.84 -16.07 -14.33
C LEU B 135 19.21 -17.28 -15.02
N MSE C 1 32.92 -8.24 -35.48
CA MSE C 1 31.93 -8.14 -34.38
C MSE C 1 30.98 -6.97 -34.57
O MSE C 1 31.39 -5.84 -34.82
CB MSE C 1 32.63 -7.97 -33.03
CG MSE C 1 32.60 -9.20 -32.14
SE MSE C 1 30.90 -9.46 -31.23
CE MSE C 1 29.96 -10.40 -32.63
N ASP C 2 29.69 -7.26 -34.46
CA ASP C 2 28.66 -6.24 -34.58
C ASP C 2 27.85 -6.32 -33.31
N ILE C 3 27.76 -5.21 -32.59
CA ILE C 3 27.02 -5.16 -31.34
C ILE C 3 25.55 -4.90 -31.68
N ILE C 4 24.74 -5.95 -31.58
CA ILE C 4 23.33 -5.86 -31.88
C ILE C 4 22.50 -5.96 -30.60
N THR C 5 21.61 -4.99 -30.40
CA THR C 5 20.77 -4.99 -29.20
C THR C 5 19.29 -4.79 -29.57
N LYS C 6 18.41 -5.56 -28.94
CA LYS C 6 16.99 -5.43 -29.23
C LYS C 6 16.21 -5.11 -27.96
N MSE C 7 15.24 -4.20 -28.06
CA MSE C 7 14.43 -3.80 -26.91
C MSE C 7 12.96 -3.67 -27.32
O MSE C 7 12.64 -3.00 -28.30
CB MSE C 7 14.90 -2.47 -26.34
CG MSE C 7 14.13 -2.01 -25.11
SE MSE C 7 14.44 -3.00 -23.61
CE MSE C 7 16.14 -2.38 -23.15
N GLN C 8 12.10 -4.32 -26.58
CA GLN C 8 10.67 -4.23 -26.84
C GLN C 8 10.15 -2.99 -26.15
N VAL C 9 9.36 -2.20 -26.87
CA VAL C 9 8.75 -1.00 -26.33
C VAL C 9 7.26 -1.06 -26.67
N ASP C 10 6.41 -1.02 -25.65
CA ASP C 10 4.97 -1.16 -25.88
C ASP C 10 4.15 0.04 -26.39
N VAL C 11 4.62 0.64 -27.50
CA VAL C 11 3.93 1.77 -28.15
C VAL C 11 4.08 1.57 -29.65
N PRO C 12 3.27 2.28 -30.46
CA PRO C 12 3.39 2.11 -31.93
C PRO C 12 4.76 2.52 -32.47
N ARG C 13 5.15 1.82 -33.53
CA ARG C 13 6.41 1.99 -34.23
C ARG C 13 6.70 3.45 -34.59
N GLU C 14 5.68 4.16 -35.07
CA GLU C 14 5.82 5.55 -35.44
C GLU C 14 6.19 6.38 -34.23
N THR C 15 5.59 6.06 -33.08
CA THR C 15 5.85 6.79 -31.87
C THR C 15 7.29 6.60 -31.37
N VAL C 16 7.84 5.41 -31.59
CA VAL C 16 9.21 5.13 -31.16
C VAL C 16 10.18 5.82 -32.12
N PHE C 17 9.84 5.83 -33.42
CA PHE C 17 10.66 6.49 -34.43
C PHE C 17 10.72 7.98 -34.11
N GLU C 18 9.56 8.58 -33.87
CA GLU C 18 9.49 10.00 -33.57
C GLU C 18 10.32 10.38 -32.35
N ALA C 19 10.44 9.46 -31.40
CA ALA C 19 11.20 9.72 -30.19
C ALA C 19 12.67 10.04 -30.50
N PHE C 20 13.22 9.42 -31.53
CA PHE C 20 14.61 9.68 -31.87
C PHE C 20 14.76 10.96 -32.71
N VAL C 21 14.12 10.98 -33.88
CA VAL C 21 14.22 12.11 -34.81
C VAL C 21 13.65 13.47 -34.39
N ASP C 22 12.75 13.49 -33.42
CA ASP C 22 12.13 14.75 -32.96
C ASP C 22 12.99 15.48 -31.92
N PRO C 23 13.66 16.56 -32.33
CA PRO C 23 14.51 17.34 -31.43
C PRO C 23 13.91 17.58 -30.05
N GLU C 24 12.58 17.59 -29.97
CA GLU C 24 11.88 17.82 -28.72
C GLU C 24 11.69 16.57 -27.87
N LYS C 25 11.87 15.39 -28.47
CA LYS C 25 11.66 14.14 -27.75
C LYS C 25 12.92 13.43 -27.27
N ILE C 26 13.98 13.50 -28.07
CA ILE C 26 15.23 12.82 -27.73
C ILE C 26 15.75 13.06 -26.32
N GLY C 27 15.51 14.26 -25.79
CA GLY C 27 15.98 14.58 -24.45
C GLY C 27 15.42 13.72 -23.34
N GLY C 28 14.36 13.00 -23.62
CA GLY C 28 13.75 12.17 -22.61
C GLY C 28 14.49 10.86 -22.34
N PHE C 29 15.46 10.51 -23.19
CA PHE C 29 16.18 9.24 -23.00
C PHE C 29 17.62 9.20 -23.54
N TRP C 30 18.03 10.18 -24.34
CA TRP C 30 19.37 10.15 -24.90
C TRP C 30 19.97 11.56 -24.88
N PHE C 31 20.41 12.05 -26.03
CA PHE C 31 20.99 13.40 -26.08
C PHE C 31 20.05 14.45 -25.51
N SER C 32 20.63 15.44 -24.84
CA SER C 32 19.89 16.54 -24.22
C SER C 32 19.09 17.34 -25.26
N SER C 33 19.60 17.36 -26.49
CA SER C 33 18.92 18.09 -27.57
C SER C 33 19.53 17.80 -28.92
N SER C 34 18.79 18.14 -29.97
CA SER C 34 19.22 17.95 -31.35
C SER C 34 19.08 19.30 -32.04
N SER C 35 20.00 19.60 -32.96
CA SER C 35 19.94 20.88 -33.66
C SER C 35 18.62 20.98 -34.43
N GLU C 36 18.31 19.94 -35.20
CA GLU C 36 17.08 19.89 -35.98
C GLU C 36 16.62 18.44 -36.09
N ARG C 37 15.49 18.22 -36.78
CA ARG C 37 14.94 16.88 -36.95
C ARG C 37 15.83 16.02 -37.84
N TRP C 38 15.96 14.76 -37.47
CA TRP C 38 16.78 13.80 -38.21
C TRP C 38 16.24 13.48 -39.61
N GLU C 39 17.02 13.83 -40.63
CA GLU C 39 16.61 13.56 -42.01
C GLU C 39 17.76 13.03 -42.87
N GLN C 40 17.43 12.21 -43.86
CA GLN C 40 18.42 11.61 -44.75
C GLN C 40 19.27 12.63 -45.49
N GLY C 41 20.50 12.83 -45.03
CA GLY C 41 21.39 13.78 -45.67
C GLY C 41 21.71 15.06 -44.90
N LYS C 42 21.12 15.22 -43.72
CA LYS C 42 21.37 16.41 -42.90
C LYS C 42 22.41 16.13 -41.82
N THR C 43 23.15 17.17 -41.41
CA THR C 43 24.16 17.02 -40.35
C THR C 43 23.57 17.62 -39.10
N ILE C 44 23.28 16.78 -38.11
CA ILE C 44 22.69 17.24 -36.87
C ILE C 44 23.68 17.42 -35.73
N THR C 45 23.48 18.47 -34.96
CA THR C 45 24.32 18.77 -33.82
C THR C 45 23.63 18.21 -32.58
N LEU C 46 24.19 17.15 -32.03
CA LEU C 46 23.65 16.48 -30.85
C LEU C 46 24.34 16.99 -29.61
N ARG C 47 23.56 17.52 -28.68
CA ARG C 47 24.14 18.05 -27.47
C ARG C 47 23.92 17.21 -26.24
N TYR C 48 24.88 17.31 -25.31
CA TYR C 48 24.81 16.58 -24.06
C TYR C 48 24.97 17.57 -22.92
N GLU C 49 23.89 18.29 -22.61
CA GLU C 49 23.93 19.27 -21.55
C GLU C 49 24.74 18.82 -20.36
N GLU C 50 24.67 17.52 -20.06
CA GLU C 50 25.43 16.98 -18.94
C GLU C 50 26.91 17.31 -19.08
N TYR C 51 27.62 16.48 -19.84
CA TYR C 51 29.04 16.71 -20.04
C TYR C 51 29.34 18.03 -20.75
N ASP C 52 28.29 18.73 -21.16
CA ASP C 52 28.48 19.99 -21.85
C ASP C 52 29.26 19.76 -23.14
N ALA C 53 29.01 18.61 -23.76
CA ALA C 53 29.69 18.26 -25.00
C ALA C 53 28.79 18.36 -26.21
N GLU C 54 29.39 18.43 -27.40
CA GLU C 54 28.63 18.54 -28.64
C GLU C 54 29.26 17.72 -29.75
N LEU C 55 28.45 16.90 -30.42
CA LEU C 55 28.95 16.09 -31.51
C LEU C 55 28.07 16.29 -32.74
N ASN C 56 28.64 16.03 -33.91
CA ASN C 56 27.93 16.17 -35.18
C ASN C 56 28.00 14.91 -36.01
N ILE C 57 26.85 14.44 -36.48
CA ILE C 57 26.82 13.24 -37.29
C ILE C 57 25.89 13.51 -38.45
N ASN C 58 26.22 12.93 -39.61
CA ASN C 58 25.37 13.10 -40.77
C ASN C 58 24.55 11.83 -40.94
N ILE C 59 23.26 12.00 -41.15
CA ILE C 59 22.36 10.88 -41.33
C ILE C 59 22.53 10.31 -42.72
N GLU C 60 23.01 9.07 -42.79
CA GLU C 60 23.25 8.41 -44.07
C GLU C 60 22.00 7.90 -44.79
N ARG C 61 21.10 7.26 -44.05
CA ARG C 61 19.88 6.73 -44.65
C ARG C 61 18.76 6.73 -43.64
N VAL C 62 17.56 7.06 -44.10
CA VAL C 62 16.39 7.08 -43.23
C VAL C 62 15.20 6.48 -43.97
N GLU C 63 14.46 5.64 -43.27
CA GLU C 63 13.27 5.00 -43.81
C GLU C 63 12.21 5.31 -42.75
N ASP C 64 11.25 6.15 -43.09
CA ASP C 64 10.20 6.54 -42.15
C ASP C 64 9.75 5.40 -41.25
N ASN C 65 9.73 5.68 -39.95
CA ASN C 65 9.31 4.72 -38.93
C ASN C 65 9.91 3.34 -39.09
N GLN C 66 11.09 3.25 -39.69
CA GLN C 66 11.70 1.95 -39.91
C GLN C 66 13.22 1.88 -39.81
N LEU C 67 13.91 2.97 -40.12
CA LEU C 67 15.36 2.94 -40.06
C LEU C 67 16.03 4.29 -40.06
N ILE C 68 17.08 4.39 -39.25
CA ILE C 68 17.90 5.58 -39.11
C ILE C 68 19.33 5.06 -39.21
N ALA C 69 20.12 5.60 -40.13
CA ALA C 69 21.49 5.12 -40.27
C ALA C 69 22.48 6.27 -40.29
N PHE C 70 23.64 6.01 -39.69
CA PHE C 70 24.72 6.98 -39.61
C PHE C 70 25.97 6.29 -39.11
N THR C 71 27.02 7.07 -38.87
CA THR C 71 28.30 6.52 -38.42
C THR C 71 28.87 7.35 -37.26
N TRP C 72 29.59 6.70 -36.37
CA TRP C 72 30.26 7.40 -35.28
C TRP C 72 31.56 6.68 -34.97
N GLY C 73 32.65 7.42 -34.88
CA GLY C 73 33.93 6.79 -34.58
C GLY C 73 34.30 5.77 -35.64
N ALA C 74 33.78 5.98 -36.84
CA ALA C 74 34.03 5.11 -37.99
C ALA C 74 33.28 3.78 -37.88
N HIS C 75 32.37 3.71 -36.92
CA HIS C 75 31.56 2.51 -36.73
C HIS C 75 30.16 2.75 -37.33
N PRO C 76 29.77 1.96 -38.33
CA PRO C 76 28.44 2.12 -38.95
C PRO C 76 27.37 1.79 -37.90
N ILE C 77 26.33 2.61 -37.83
CA ILE C 77 25.24 2.42 -36.88
C ILE C 77 23.86 2.47 -37.56
N THR C 78 22.98 1.58 -37.15
CA THR C 78 21.61 1.55 -37.67
C THR C 78 20.67 1.33 -36.49
N ILE C 79 19.56 2.05 -36.50
CA ILE C 79 18.54 1.92 -35.47
C ILE C 79 17.32 1.53 -36.29
N GLN C 80 16.83 0.31 -36.09
CA GLN C 80 15.68 -0.19 -36.84
C GLN C 80 14.44 -0.27 -35.96
N PHE C 81 13.27 -0.20 -36.56
CA PHE C 81 12.02 -0.27 -35.83
C PHE C 81 11.07 -1.24 -36.55
N GLU C 82 10.68 -2.31 -35.87
CA GLU C 82 9.78 -3.29 -36.45
C GLU C 82 8.58 -3.47 -35.52
N GLU C 83 7.45 -3.83 -36.09
CA GLU C 83 6.25 -4.01 -35.28
C GLU C 83 6.30 -5.34 -34.55
N SER C 84 5.70 -5.37 -33.36
CA SER C 84 5.58 -6.60 -32.58
C SER C 84 4.16 -6.55 -32.01
N GLU C 85 3.71 -7.66 -31.45
CA GLU C 85 2.36 -7.71 -30.89
C GLU C 85 2.03 -6.52 -29.96
N ALA C 86 2.83 -6.32 -28.91
CA ALA C 86 2.57 -5.27 -27.94
C ALA C 86 3.07 -3.90 -28.36
N GLY C 87 3.75 -3.85 -29.51
CA GLY C 87 4.22 -2.55 -29.94
C GLY C 87 5.34 -2.54 -30.95
N THR C 88 6.54 -2.28 -30.46
CA THR C 88 7.71 -2.13 -31.32
C THR C 88 8.95 -2.83 -30.79
N VAL C 89 9.78 -3.34 -31.68
CA VAL C 89 11.06 -3.91 -31.26
C VAL C 89 12.08 -3.01 -31.93
N VAL C 90 12.89 -2.33 -31.12
CA VAL C 90 13.93 -1.45 -31.65
C VAL C 90 15.20 -2.29 -31.69
N THR C 91 15.93 -2.23 -32.81
CA THR C 91 17.16 -2.99 -32.91
C THR C 91 18.30 -2.05 -33.21
N THR C 92 19.27 -1.96 -32.30
CA THR C 92 20.43 -1.11 -32.53
C THR C 92 21.57 -2.00 -32.99
N THR C 93 22.34 -1.51 -33.96
CA THR C 93 23.47 -2.25 -34.47
C THR C 93 24.65 -1.31 -34.65
N GLU C 94 25.75 -1.60 -33.95
CA GLU C 94 26.96 -0.79 -34.08
C GLU C 94 27.95 -1.79 -34.64
N LYS C 95 28.40 -1.54 -35.85
CA LYS C 95 29.25 -2.48 -36.55
C LYS C 95 30.77 -2.33 -36.50
N ASP C 96 31.42 -3.44 -36.85
CA ASP C 96 32.87 -3.56 -36.95
C ASP C 96 33.70 -3.38 -35.69
N PHE C 97 33.81 -4.46 -34.92
CA PHE C 97 34.60 -4.49 -33.68
C PHE C 97 35.45 -5.75 -33.69
N ASP C 98 36.48 -5.78 -32.86
CA ASP C 98 37.34 -6.94 -32.77
C ASP C 98 37.07 -7.67 -31.45
N THR C 99 36.97 -8.99 -31.51
CA THR C 99 36.74 -9.77 -30.31
C THR C 99 37.89 -9.60 -29.33
N GLN C 100 38.98 -9.00 -29.82
CA GLN C 100 40.16 -8.77 -29.00
C GLN C 100 39.84 -7.87 -27.82
N ASP C 101 39.31 -6.68 -28.09
CA ASP C 101 38.99 -5.75 -27.02
C ASP C 101 37.62 -6.05 -26.43
N VAL C 102 37.59 -6.98 -25.48
CA VAL C 102 36.35 -7.33 -24.82
C VAL C 102 35.86 -6.17 -23.97
N LYS C 103 36.80 -5.43 -23.41
CA LYS C 103 36.50 -4.28 -22.58
C LYS C 103 35.70 -3.22 -23.34
N GLN C 104 36.11 -2.91 -24.57
CA GLN C 104 35.39 -1.92 -25.36
C GLN C 104 34.00 -2.42 -25.75
N LEU C 105 33.92 -3.71 -26.08
CA LEU C 105 32.66 -4.34 -26.45
C LEU C 105 31.67 -4.24 -25.31
N LEU C 106 32.10 -4.58 -24.10
CA LEU C 106 31.17 -4.55 -22.96
C LEU C 106 30.70 -3.15 -22.66
N GLY C 107 31.61 -2.19 -22.76
CA GLY C 107 31.24 -0.81 -22.50
C GLY C 107 30.22 -0.30 -23.51
N GLN C 108 30.39 -0.63 -24.78
CA GLN C 108 29.46 -0.15 -25.80
C GLN C 108 28.11 -0.84 -25.63
N LYS C 109 28.16 -2.15 -25.38
CA LYS C 109 26.93 -2.92 -25.16
C LYS C 109 26.14 -2.25 -24.04
N GLU C 110 26.84 -1.92 -22.95
CA GLU C 110 26.23 -1.27 -21.81
C GLU C 110 25.53 0.02 -22.24
N GLY C 111 26.20 0.81 -23.07
CA GLY C 111 25.61 2.07 -23.52
C GLY C 111 24.31 1.86 -24.30
N TRP C 112 24.32 0.89 -25.20
CA TRP C 112 23.15 0.61 -26.02
C TRP C 112 22.01 0.08 -25.17
N VAL C 113 22.31 -0.87 -24.28
CA VAL C 113 21.25 -1.42 -23.42
C VAL C 113 20.66 -0.35 -22.53
N TYR C 114 21.51 0.49 -21.95
CA TYR C 114 21.02 1.55 -21.09
C TYR C 114 20.15 2.57 -21.85
N MSE C 115 20.62 3.05 -23.00
CA MSE C 115 19.83 4.04 -23.75
C MSE C 115 18.44 3.49 -24.10
O MSE C 115 17.44 4.19 -23.98
CB MSE C 115 20.54 4.46 -25.05
CG MSE C 115 19.76 5.51 -25.91
SE MSE C 115 18.54 4.78 -27.06
CE MSE C 115 19.57 4.08 -28.26
N LEU C 116 18.39 2.24 -24.53
CA LEU C 116 17.13 1.61 -24.92
C LEU C 116 16.24 1.39 -23.70
N SER C 117 16.84 1.24 -22.51
CA SER C 117 16.05 1.08 -21.30
C SER C 117 15.43 2.40 -20.95
N CYS C 118 16.21 3.47 -21.08
CA CYS C 118 15.69 4.82 -20.82
C CYS C 118 14.60 5.10 -21.85
N LEU C 119 14.81 4.64 -23.09
CA LEU C 119 13.82 4.84 -24.16
C LEU C 119 12.49 4.19 -23.76
N LYS C 120 12.55 2.94 -23.34
CA LYS C 120 11.36 2.17 -22.94
C LYS C 120 10.60 2.86 -21.80
N VAL C 121 11.32 3.30 -20.78
CA VAL C 121 10.69 3.96 -19.65
C VAL C 121 10.04 5.29 -20.07
N TYR C 122 10.74 6.06 -20.89
CA TYR C 122 10.22 7.35 -21.33
C TYR C 122 8.92 7.22 -22.15
N LEU C 123 8.88 6.26 -23.06
CA LEU C 123 7.70 6.06 -23.90
C LEU C 123 6.55 5.30 -23.22
N GLU C 124 6.90 4.37 -22.33
CA GLU C 124 5.86 3.59 -21.66
C GLU C 124 5.33 4.27 -20.40
N HIS C 125 6.11 5.17 -19.82
CA HIS C 125 5.67 5.84 -18.60
C HIS C 125 5.74 7.35 -18.56
N GLY C 126 6.38 7.96 -19.55
CA GLY C 126 6.47 9.41 -19.55
C GLY C 126 7.38 9.98 -18.48
N VAL C 127 8.21 9.15 -17.87
CA VAL C 127 9.17 9.61 -16.86
C VAL C 127 10.55 9.28 -17.41
N THR C 128 11.59 9.86 -16.82
CA THR C 128 12.94 9.61 -17.30
C THR C 128 13.88 9.12 -16.23
N ILE C 129 14.89 8.34 -16.62
CA ILE C 129 15.85 7.85 -15.65
C ILE C 129 17.27 8.19 -16.07
N ARG C 130 17.65 9.46 -15.87
CA ARG C 130 18.98 9.96 -16.21
C ARG C 130 19.37 9.60 -17.64
N ALA C 131 19.05 10.47 -18.59
CA ALA C 131 19.35 10.25 -20.00
C ALA C 131 20.72 9.58 -20.19
N ALA C 132 20.82 8.74 -21.21
CA ALA C 132 22.05 8.03 -21.51
C ALA C 132 23.05 8.90 -22.27
N ILE C 133 24.32 8.51 -22.25
CA ILE C 133 25.37 9.24 -22.95
C ILE C 133 25.79 8.45 -24.20
N LEU C 134 26.06 7.17 -24.01
CA LEU C 134 26.46 6.27 -25.09
C LEU C 134 27.63 6.77 -25.94
N LEU C 135 27.32 7.54 -26.98
CA LEU C 135 28.36 8.07 -27.87
C LEU C 135 29.03 9.32 -27.29
N MSE D 1 8.54 -5.01 29.81
CA MSE D 1 8.95 -3.70 29.22
C MSE D 1 8.93 -2.58 30.25
O MSE D 1 7.94 -2.40 30.96
CB MSE D 1 8.02 -3.32 28.06
CG MSE D 1 8.63 -3.48 26.68
SE MSE D 1 9.90 -2.10 26.22
CE MSE D 1 11.52 -2.97 26.83
N ASP D 2 10.03 -1.85 30.32
CA ASP D 2 10.14 -0.72 31.22
C ASP D 2 10.47 0.46 30.33
N ILE D 3 9.68 1.52 30.43
CA ILE D 3 9.93 2.71 29.62
C ILE D 3 10.89 3.59 30.39
N ILE D 4 12.12 3.66 29.90
CA ILE D 4 13.16 4.46 30.54
C ILE D 4 13.54 5.63 29.64
N THR D 5 13.46 6.84 30.18
CA THR D 5 13.81 8.03 29.41
C THR D 5 14.84 8.86 30.17
N LYS D 6 15.84 9.38 29.47
CA LYS D 6 16.86 10.19 30.10
C LYS D 6 16.93 11.56 29.44
N MSE D 7 17.06 12.60 30.26
CA MSE D 7 17.13 13.97 29.75
C MSE D 7 18.18 14.78 30.50
O MSE D 7 18.17 14.83 31.72
CB MSE D 7 15.78 14.67 29.89
CG MSE D 7 15.76 16.10 29.33
SE MSE D 7 15.85 16.18 27.51
CE MSE D 7 14.12 15.62 27.08
N GLN D 8 19.06 15.42 29.75
CA GLN D 8 20.09 16.27 30.34
C GLN D 8 19.49 17.64 30.59
N VAL D 9 19.73 18.17 31.79
CA VAL D 9 19.25 19.51 32.15
C VAL D 9 20.47 20.22 32.74
N ASP D 10 20.82 21.36 32.15
CA ASP D 10 22.01 22.12 32.55
C ASP D 10 21.95 22.98 33.81
N VAL D 11 21.51 22.38 34.91
CA VAL D 11 21.44 23.05 36.21
C VAL D 11 21.81 22.01 37.26
N PRO D 12 22.16 22.45 38.49
CA PRO D 12 22.53 21.50 39.53
C PRO D 12 21.39 20.55 39.90
N ARG D 13 21.76 19.34 40.29
CA ARG D 13 20.84 18.28 40.66
C ARG D 13 19.80 18.69 41.69
N GLU D 14 20.21 19.48 42.69
CA GLU D 14 19.30 19.94 43.73
C GLU D 14 18.17 20.75 43.11
N THR D 15 18.53 21.62 42.16
CA THR D 15 17.56 22.48 41.51
C THR D 15 16.53 21.69 40.71
N VAL D 16 16.97 20.63 40.05
CA VAL D 16 16.05 19.80 39.25
C VAL D 16 15.13 19.04 40.22
N PHE D 17 15.70 18.49 41.28
CA PHE D 17 14.93 17.74 42.28
C PHE D 17 13.84 18.65 42.82
N GLU D 18 14.22 19.87 43.20
CA GLU D 18 13.29 20.83 43.75
C GLU D 18 12.16 21.17 42.78
N ALA D 19 12.45 21.16 41.48
CA ALA D 19 11.45 21.47 40.48
C ALA D 19 10.24 20.54 40.57
N PHE D 20 10.47 19.30 40.96
CA PHE D 20 9.37 18.33 41.09
C PHE D 20 8.64 18.43 42.43
N VAL D 21 9.38 18.32 43.54
CA VAL D 21 8.78 18.33 44.87
C VAL D 21 8.21 19.65 45.39
N ASP D 22 8.68 20.78 44.87
CA ASP D 22 8.18 22.08 45.34
C ASP D 22 6.85 22.45 44.67
N PRO D 23 5.76 22.46 45.45
CA PRO D 23 4.44 22.80 44.95
C PRO D 23 4.39 24.04 44.06
N GLU D 24 5.31 24.97 44.28
CA GLU D 24 5.35 26.20 43.49
C GLU D 24 6.11 26.06 42.17
N LYS D 25 6.93 25.01 42.06
CA LYS D 25 7.76 24.81 40.86
C LYS D 25 7.18 23.87 39.80
N ILE D 26 6.50 22.82 40.24
CA ILE D 26 5.96 21.82 39.32
C ILE D 26 5.10 22.38 38.18
N GLY D 27 4.38 23.47 38.46
CA GLY D 27 3.51 24.07 37.47
C GLY D 27 4.20 24.59 36.21
N GLY D 28 5.51 24.75 36.28
CA GLY D 28 6.21 25.25 35.12
C GLY D 28 6.48 24.22 34.05
N PHE D 29 6.23 22.94 34.33
CA PHE D 29 6.50 21.90 33.34
C PHE D 29 5.60 20.66 33.41
N TRP D 30 4.86 20.49 34.48
CA TRP D 30 4.02 19.31 34.61
C TRP D 30 2.66 19.71 35.23
N PHE D 31 2.27 19.04 36.30
CA PHE D 31 1.00 19.36 36.97
C PHE D 31 0.87 20.84 37.27
N SER D 32 -0.36 21.34 37.15
CA SER D 32 -0.67 22.75 37.40
C SER D 32 -0.39 23.12 38.85
N SER D 33 -0.59 22.16 39.76
CA SER D 33 -0.36 22.42 41.17
C SER D 33 -0.26 21.14 41.98
N SER D 34 0.36 21.25 43.15
CA SER D 34 0.52 20.11 44.05
C SER D 34 -0.06 20.51 45.40
N SER D 35 -0.53 19.54 46.17
CA SER D 35 -1.12 19.83 47.46
C SER D 35 -0.04 20.25 48.46
N GLU D 36 1.09 19.56 48.44
CA GLU D 36 2.19 19.86 49.34
C GLU D 36 3.49 19.26 48.79
N ARG D 37 4.62 19.62 49.40
CA ARG D 37 5.92 19.13 48.98
C ARG D 37 5.95 17.60 48.99
N TRP D 38 6.63 17.03 48.00
CA TRP D 38 6.73 15.59 47.89
C TRP D 38 7.63 15.00 48.97
N GLU D 39 7.02 14.23 49.88
CA GLU D 39 7.76 13.60 50.98
C GLU D 39 7.49 12.10 51.04
N GLN D 40 8.49 11.33 51.44
CA GLN D 40 8.37 9.88 51.54
C GLN D 40 7.26 9.45 52.50
N GLY D 41 6.13 9.02 51.95
CA GLY D 41 5.02 8.59 52.79
C GLY D 41 3.84 9.54 52.85
N LYS D 42 3.83 10.55 52.00
CA LYS D 42 2.73 11.52 51.97
C LYS D 42 1.90 11.32 50.71
N THR D 43 0.59 11.46 50.83
CA THR D 43 -0.30 11.29 49.68
C THR D 43 -0.57 12.69 49.11
N ILE D 44 -0.12 12.94 47.89
CA ILE D 44 -0.25 14.24 47.26
C ILE D 44 -1.39 14.39 46.25
N THR D 45 -2.02 15.56 46.25
CA THR D 45 -3.10 15.84 45.32
C THR D 45 -2.51 16.64 44.17
N LEU D 46 -2.46 16.01 42.99
CA LEU D 46 -1.91 16.62 41.79
C LEU D 46 -3.01 17.12 40.86
N ARG D 47 -3.07 18.43 40.68
CA ARG D 47 -4.08 19.05 39.84
C ARG D 47 -3.63 19.35 38.42
N TYR D 48 -4.59 19.32 37.51
CA TYR D 48 -4.34 19.62 36.12
C TYR D 48 -5.37 20.66 35.70
N GLU D 49 -5.10 21.92 36.05
CA GLU D 49 -6.01 22.99 35.72
C GLU D 49 -6.54 22.90 34.29
N GLU D 50 -5.73 22.32 33.41
CA GLU D 50 -6.13 22.16 32.03
C GLU D 50 -7.40 21.33 31.93
N TYR D 51 -7.24 20.01 32.08
CA TYR D 51 -8.38 19.12 32.02
C TYR D 51 -9.25 19.20 33.27
N ASP D 52 -9.01 20.22 34.09
CA ASP D 52 -9.77 20.38 35.32
C ASP D 52 -9.87 19.06 36.04
N ALA D 53 -8.79 18.30 36.00
CA ALA D 53 -8.74 16.97 36.63
C ALA D 53 -7.83 16.95 37.85
N GLU D 54 -8.06 15.97 38.72
CA GLU D 54 -7.26 15.82 39.94
C GLU D 54 -6.98 14.36 40.23
N LEU D 55 -5.77 14.07 40.69
CA LEU D 55 -5.40 12.71 41.02
C LEU D 55 -4.54 12.69 42.28
N ASN D 56 -4.70 11.63 43.08
CA ASN D 56 -3.95 11.50 44.33
C ASN D 56 -2.91 10.41 44.26
N ILE D 57 -1.68 10.77 44.62
CA ILE D 57 -0.58 9.83 44.56
C ILE D 57 0.19 9.86 45.87
N ASN D 58 0.54 8.68 46.36
CA ASN D 58 1.33 8.56 47.59
C ASN D 58 2.79 8.31 47.23
N ILE D 59 3.65 9.17 47.75
CA ILE D 59 5.09 9.06 47.50
C ILE D 59 5.66 7.89 48.29
N GLU D 60 6.10 6.87 47.57
CA GLU D 60 6.66 5.66 48.17
C GLU D 60 8.07 5.82 48.77
N ARG D 61 9.02 6.26 47.96
CA ARG D 61 10.39 6.42 48.44
C ARG D 61 10.95 7.72 47.91
N VAL D 62 11.72 8.41 48.75
CA VAL D 62 12.34 9.67 48.36
C VAL D 62 13.74 9.79 48.94
N GLU D 63 14.70 10.01 48.05
CA GLU D 63 16.11 10.19 48.42
C GLU D 63 16.41 11.60 47.93
N ASP D 64 16.58 12.52 48.89
CA ASP D 64 16.84 13.93 48.59
C ASP D 64 17.78 14.11 47.41
N ASN D 65 17.34 14.96 46.47
CA ASN D 65 18.11 15.28 45.27
C ASN D 65 18.61 14.06 44.50
N GLN D 66 17.91 12.93 44.63
CA GLN D 66 18.37 11.73 43.95
C GLN D 66 17.29 10.75 43.49
N LEU D 67 16.17 10.69 44.21
CA LEU D 67 15.14 9.76 43.81
C LEU D 67 13.77 10.06 44.38
N ILE D 68 12.76 9.81 43.54
CA ILE D 68 11.36 9.99 43.90
C ILE D 68 10.69 8.75 43.34
N ALA D 69 10.01 7.98 44.20
CA ALA D 69 9.37 6.77 43.71
C ALA D 69 7.91 6.75 44.09
N PHE D 70 7.10 6.15 43.22
CA PHE D 70 5.67 6.05 43.46
C PHE D 70 5.07 5.15 42.37
N THR D 71 3.75 5.01 42.40
CA THR D 71 3.08 4.16 41.42
C THR D 71 1.86 4.87 40.82
N TRP D 72 1.51 4.49 39.61
CA TRP D 72 0.34 5.02 38.95
C TRP D 72 -0.20 3.96 37.99
N GLY D 73 -1.50 3.71 38.06
CA GLY D 73 -2.09 2.72 37.18
C GLY D 73 -1.44 1.37 37.35
N ALA D 74 -0.94 1.13 38.56
CA ALA D 74 -0.28 -0.12 38.91
C ALA D 74 1.09 -0.26 38.27
N HIS D 75 1.60 0.84 37.72
CA HIS D 75 2.94 0.83 37.10
C HIS D 75 3.93 1.55 38.02
N PRO D 76 4.94 0.83 38.53
CA PRO D 76 5.93 1.45 39.41
C PRO D 76 6.65 2.56 38.63
N ILE D 77 6.91 3.68 39.29
CA ILE D 77 7.60 4.80 38.65
C ILE D 77 8.69 5.36 39.55
N THR D 78 9.82 5.71 38.94
CA THR D 78 10.94 6.30 39.68
C THR D 78 11.51 7.41 38.81
N ILE D 79 11.85 8.52 39.47
CA ILE D 79 12.44 9.66 38.81
C ILE D 79 13.77 9.83 39.52
N GLN D 80 14.87 9.57 38.80
CA GLN D 80 16.21 9.64 39.40
C GLN D 80 16.96 10.85 38.90
N PHE D 81 17.88 11.35 39.72
CA PHE D 81 18.69 12.50 39.36
C PHE D 81 20.17 12.19 39.60
N GLU D 82 20.96 12.21 38.52
CA GLU D 82 22.39 11.94 38.58
C GLU D 82 23.18 13.17 38.12
N GLU D 83 24.37 13.34 38.67
CA GLU D 83 25.18 14.48 38.27
C GLU D 83 25.83 14.20 36.94
N SER D 84 25.98 15.25 36.13
CA SER D 84 26.68 15.17 34.85
C SER D 84 27.51 16.46 34.74
N GLU D 85 28.48 16.46 33.84
CA GLU D 85 29.34 17.62 33.63
C GLU D 85 28.59 18.95 33.57
N ALA D 86 27.63 19.06 32.64
CA ALA D 86 26.91 20.31 32.47
C ALA D 86 25.76 20.51 33.45
N GLY D 87 25.50 19.50 34.26
CA GLY D 87 24.44 19.63 35.24
C GLY D 87 23.85 18.36 35.81
N THR D 88 22.71 17.98 35.26
CA THR D 88 21.98 16.81 35.76
C THR D 88 21.41 15.95 34.66
N VAL D 89 21.34 14.65 34.89
CA VAL D 89 20.68 13.74 33.95
C VAL D 89 19.50 13.19 34.73
N VAL D 90 18.29 13.41 34.22
CA VAL D 90 17.10 12.91 34.88
C VAL D 90 16.72 11.61 34.17
N THR D 91 16.42 10.57 34.93
CA THR D 91 16.04 9.32 34.34
C THR D 91 14.67 8.92 34.85
N THR D 92 13.68 8.91 33.95
CA THR D 92 12.34 8.49 34.37
C THR D 92 12.18 7.03 33.96
N THR D 93 11.57 6.24 34.84
CA THR D 93 11.34 4.84 34.57
C THR D 93 9.91 4.47 34.97
N GLU D 94 9.14 3.97 33.99
CA GLU D 94 7.77 3.54 34.27
C GLU D 94 7.79 2.07 33.89
N LYS D 95 7.67 1.22 34.91
CA LYS D 95 7.80 -0.21 34.75
C LYS D 95 6.56 -1.03 34.47
N ASP D 96 6.85 -2.24 33.96
CA ASP D 96 5.88 -3.27 33.66
C ASP D 96 4.89 -3.01 32.52
N PHE D 97 5.33 -3.32 31.31
CA PHE D 97 4.52 -3.16 30.10
C PHE D 97 4.71 -4.37 29.20
N ASP D 98 3.78 -4.58 28.28
CA ASP D 98 3.85 -5.70 27.34
C ASP D 98 4.08 -5.19 25.92
N THR D 99 4.54 -6.09 25.05
CA THR D 99 4.78 -5.72 23.67
C THR D 99 3.51 -5.73 22.83
N GLN D 100 2.51 -6.50 23.29
CA GLN D 100 1.25 -6.59 22.58
C GLN D 100 0.71 -5.19 22.26
N ASP D 101 0.91 -4.26 23.20
CA ASP D 101 0.42 -2.90 23.00
C ASP D 101 1.54 -1.92 22.68
N VAL D 102 1.91 -1.86 21.40
CA VAL D 102 2.94 -0.94 20.94
C VAL D 102 2.38 0.47 21.04
N LYS D 103 1.09 0.60 20.78
CA LYS D 103 0.40 1.88 20.83
C LYS D 103 0.52 2.50 22.22
N GLN D 104 0.27 1.70 23.26
CA GLN D 104 0.35 2.21 24.62
C GLN D 104 1.77 2.65 24.99
N LEU D 105 2.75 1.84 24.59
CA LEU D 105 4.16 2.13 24.83
C LEU D 105 4.55 3.46 24.20
N LEU D 106 4.19 3.64 22.92
CA LEU D 106 4.55 4.87 22.22
C LEU D 106 3.93 6.09 22.89
N GLY D 107 2.68 5.95 23.30
CA GLY D 107 2.00 7.06 23.94
C GLY D 107 2.63 7.45 25.26
N GLN D 108 3.01 6.46 26.07
CA GLN D 108 3.63 6.78 27.34
C GLN D 108 5.02 7.37 27.13
N LYS D 109 5.77 6.79 26.19
CA LYS D 109 7.10 7.31 25.89
C LYS D 109 6.97 8.80 25.53
N GLU D 110 6.00 9.11 24.69
CA GLU D 110 5.75 10.48 24.28
C GLU D 110 5.53 11.37 25.50
N GLY D 111 4.69 10.91 26.43
CA GLY D 111 4.43 11.72 27.61
C GLY D 111 5.68 12.02 28.43
N TRP D 112 6.51 11.01 28.63
CA TRP D 112 7.74 11.17 29.41
C TRP D 112 8.72 12.08 28.71
N VAL D 113 8.88 11.90 27.39
CA VAL D 113 9.81 12.75 26.66
C VAL D 113 9.34 14.19 26.67
N TYR D 114 8.06 14.41 26.42
CA TYR D 114 7.53 15.76 26.43
C TYR D 114 7.71 16.43 27.82
N MSE D 115 7.29 15.74 28.88
CA MSE D 115 7.43 16.34 30.21
C MSE D 115 8.88 16.74 30.52
O MSE D 115 9.13 17.82 31.05
CB MSE D 115 6.93 15.38 31.31
CG MSE D 115 7.00 15.93 32.77
SE MSE D 115 8.63 15.75 33.62
CE MSE D 115 8.57 14.05 33.99
N LEU D 116 9.82 15.88 30.16
CA LEU D 116 11.24 16.13 30.43
C LEU D 116 11.74 17.29 29.56
N SER D 117 11.15 17.45 28.38
CA SER D 117 11.53 18.56 27.50
C SER D 117 11.01 19.85 28.10
N CYS D 118 9.79 19.82 28.62
CA CYS D 118 9.21 20.99 29.27
C CYS D 118 10.06 21.31 30.50
N LEU D 119 10.49 20.26 31.21
CA LEU D 119 11.33 20.43 32.39
C LEU D 119 12.62 21.19 32.02
N LYS D 120 13.30 20.70 30.99
CA LYS D 120 14.56 21.27 30.54
C LYS D 120 14.42 22.74 30.17
N VAL D 121 13.37 23.07 29.43
CA VAL D 121 13.14 24.45 29.04
C VAL D 121 12.84 25.35 30.24
N TYR D 122 12.02 24.87 31.16
CA TYR D 122 11.67 25.64 32.34
C TYR D 122 12.89 25.97 33.21
N LEU D 123 13.74 24.99 33.44
CA LEU D 123 14.93 25.20 34.27
C LEU D 123 16.10 25.89 33.57
N GLU D 124 16.23 25.70 32.26
CA GLU D 124 17.34 26.34 31.54
C GLU D 124 17.01 27.73 31.02
N HIS D 125 15.73 28.05 30.87
CA HIS D 125 15.35 29.36 30.36
C HIS D 125 14.30 30.15 31.13
N GLY D 126 13.70 29.53 32.14
CA GLY D 126 12.69 30.24 32.90
C GLY D 126 11.46 30.57 32.09
N VAL D 127 11.19 29.75 31.08
CA VAL D 127 9.99 29.92 30.25
C VAL D 127 9.31 28.56 30.15
N THR D 128 8.03 28.55 29.78
CA THR D 128 7.29 27.30 29.72
C THR D 128 6.70 27.00 28.34
N ILE D 129 6.56 25.72 28.01
CA ILE D 129 5.96 25.35 26.74
C ILE D 129 4.80 24.39 26.92
N ARG D 130 3.70 24.92 27.46
CA ARG D 130 2.48 24.16 27.70
C ARG D 130 2.70 22.85 28.43
N ALA D 131 2.78 22.92 29.76
CA ALA D 131 2.99 21.74 30.60
C ALA D 131 2.17 20.54 30.10
N ALA D 132 2.66 19.33 30.35
CA ALA D 132 1.94 18.13 29.92
C ALA D 132 1.18 17.50 31.08
N ILE D 133 0.48 16.41 30.79
CA ILE D 133 -0.27 15.68 31.82
C ILE D 133 0.36 14.31 32.05
N LEU D 134 0.64 13.61 30.96
CA LEU D 134 1.26 12.28 31.02
C LEU D 134 0.39 11.25 31.74
N LEU D 135 0.23 11.41 33.05
CA LEU D 135 -0.57 10.50 33.86
C LEU D 135 -2.02 10.97 33.99
N MSE E 1 1.60 -10.33 -2.34
CA MSE E 1 1.76 -11.73 -1.90
C MSE E 1 0.60 -12.57 -2.43
O MSE E 1 -0.53 -12.09 -2.52
CB MSE E 1 1.74 -11.80 -0.37
CG MSE E 1 2.12 -13.14 0.19
SE MSE E 1 1.37 -13.30 1.96
CE MSE E 1 0.31 -14.88 1.64
N ASP E 2 0.87 -13.83 -2.77
CA ASP E 2 -0.18 -14.72 -3.27
C ASP E 2 -0.54 -15.69 -2.16
N ILE E 3 -1.80 -16.06 -2.08
CA ILE E 3 -2.26 -17.01 -1.08
C ILE E 3 -2.33 -18.33 -1.85
N ILE E 4 -1.44 -19.25 -1.51
CA ILE E 4 -1.35 -20.55 -2.20
C ILE E 4 -1.70 -21.68 -1.24
N THR E 5 -2.62 -22.53 -1.65
CA THR E 5 -3.02 -23.62 -0.78
C THR E 5 -3.05 -24.92 -1.56
N LYS E 6 -2.53 -25.98 -0.95
CA LYS E 6 -2.50 -27.30 -1.61
C LYS E 6 -3.26 -28.34 -0.82
N MSE E 7 -4.00 -29.18 -1.53
CA MSE E 7 -4.73 -30.26 -0.88
C MSE E 7 -4.65 -31.53 -1.71
O MSE E 7 -4.93 -31.51 -2.91
CB MSE E 7 -6.20 -29.89 -0.68
CG MSE E 7 -7.00 -30.92 0.12
SE MSE E 7 -6.60 -31.04 1.88
CE MSE E 7 -7.35 -29.45 2.51
N GLN E 8 -4.18 -32.60 -1.08
CA GLN E 8 -4.10 -33.91 -1.74
C GLN E 8 -5.49 -34.55 -1.63
N VAL E 9 -6.01 -35.02 -2.76
CA VAL E 9 -7.31 -35.68 -2.82
C VAL E 9 -7.03 -37.02 -3.50
N ASP E 10 -7.37 -38.12 -2.83
CA ASP E 10 -7.10 -39.46 -3.34
C ASP E 10 -8.04 -40.02 -4.41
N VAL E 11 -8.19 -39.29 -5.51
CA VAL E 11 -9.00 -39.74 -6.65
C VAL E 11 -8.28 -39.20 -7.87
N PRO E 12 -8.60 -39.73 -9.08
CA PRO E 12 -7.96 -39.26 -10.31
C PRO E 12 -8.19 -37.79 -10.60
N ARG E 13 -7.25 -37.19 -11.30
CA ARG E 13 -7.33 -35.79 -11.65
C ARG E 13 -8.64 -35.46 -12.39
N GLU E 14 -9.05 -36.31 -13.33
CA GLU E 14 -10.28 -36.02 -14.07
C GLU E 14 -11.49 -36.00 -13.15
N THR E 15 -11.47 -36.82 -12.10
CA THR E 15 -12.56 -36.89 -11.16
C THR E 15 -12.63 -35.57 -10.37
N VAL E 16 -11.48 -35.03 -9.97
CA VAL E 16 -11.46 -33.79 -9.23
C VAL E 16 -11.86 -32.61 -10.10
N PHE E 17 -11.36 -32.57 -11.32
CA PHE E 17 -11.67 -31.49 -12.24
C PHE E 17 -13.18 -31.42 -12.48
N GLU E 18 -13.81 -32.58 -12.67
CA GLU E 18 -15.27 -32.64 -12.90
C GLU E 18 -16.07 -32.09 -11.73
N ALA E 19 -15.61 -32.36 -10.52
CA ALA E 19 -16.26 -31.89 -9.30
C ALA E 19 -16.39 -30.37 -9.36
N PHE E 20 -15.41 -29.67 -9.94
CA PHE E 20 -15.52 -28.21 -10.03
C PHE E 20 -16.43 -27.70 -11.15
N VAL E 21 -16.24 -28.23 -12.36
CA VAL E 21 -17.01 -27.74 -13.49
C VAL E 21 -18.43 -28.26 -13.65
N ASP E 22 -18.72 -29.43 -13.08
CA ASP E 22 -20.07 -30.02 -13.17
C ASP E 22 -20.97 -29.25 -12.20
N PRO E 23 -22.03 -28.59 -12.70
CA PRO E 23 -22.95 -27.82 -11.85
C PRO E 23 -23.56 -28.59 -10.70
N GLU E 24 -23.70 -29.91 -10.85
CA GLU E 24 -24.30 -30.72 -9.80
C GLU E 24 -23.33 -31.16 -8.71
N LYS E 25 -22.06 -31.31 -9.06
CA LYS E 25 -21.10 -31.76 -8.07
C LYS E 25 -20.52 -30.62 -7.22
N ILE E 26 -20.33 -29.45 -7.81
CA ILE E 26 -19.75 -28.33 -7.06
C ILE E 26 -20.47 -28.03 -5.76
N GLY E 27 -21.80 -28.18 -5.77
CA GLY E 27 -22.59 -27.93 -4.58
C GLY E 27 -22.20 -28.87 -3.44
N GLY E 28 -21.41 -29.89 -3.74
CA GLY E 28 -20.99 -30.81 -2.71
C GLY E 28 -19.88 -30.32 -1.79
N PHE E 29 -19.21 -29.23 -2.15
CA PHE E 29 -18.12 -28.69 -1.34
C PHE E 29 -17.88 -27.17 -1.47
N TRP E 30 -18.49 -26.53 -2.47
CA TRP E 30 -18.29 -25.10 -2.64
C TRP E 30 -19.63 -24.41 -2.88
N PHE E 31 -19.71 -23.66 -3.98
CA PHE E 31 -20.94 -22.96 -4.33
C PHE E 31 -22.16 -23.88 -4.27
N SER E 32 -23.25 -23.32 -3.78
CA SER E 32 -24.52 -24.04 -3.66
C SER E 32 -25.01 -24.39 -5.05
N SER E 33 -24.84 -23.46 -5.98
CA SER E 33 -25.26 -23.68 -7.35
C SER E 33 -24.35 -23.00 -8.35
N SER E 34 -24.37 -23.51 -9.58
CA SER E 34 -23.59 -22.98 -10.68
C SER E 34 -24.56 -22.94 -11.85
N SER E 35 -24.62 -21.82 -12.56
CA SER E 35 -25.59 -21.68 -13.64
C SER E 35 -25.44 -22.70 -14.76
N GLU E 36 -24.21 -23.11 -15.04
CA GLU E 36 -23.97 -24.10 -16.07
C GLU E 36 -22.56 -24.62 -15.95
N ARG E 37 -22.24 -25.62 -16.76
CA ARG E 37 -20.91 -26.22 -16.75
C ARG E 37 -19.79 -25.21 -17.06
N TRP E 38 -18.75 -25.19 -16.24
CA TRP E 38 -17.66 -24.26 -16.44
C TRP E 38 -16.91 -24.57 -17.73
N GLU E 39 -16.88 -23.58 -18.62
CA GLU E 39 -16.21 -23.70 -19.90
C GLU E 39 -15.50 -22.39 -20.17
N GLN E 40 -14.33 -22.48 -20.77
CA GLN E 40 -13.54 -21.31 -21.09
C GLN E 40 -14.37 -20.33 -21.91
N GLY E 41 -14.41 -19.08 -21.48
CA GLY E 41 -15.18 -18.06 -22.18
C GLY E 41 -16.62 -17.87 -21.72
N LYS E 42 -17.13 -18.74 -20.86
CA LYS E 42 -18.50 -18.62 -20.39
C LYS E 42 -18.60 -17.80 -19.12
N THR E 43 -19.68 -17.01 -18.99
CA THR E 43 -19.89 -16.23 -17.79
C THR E 43 -20.81 -17.07 -16.91
N ILE E 44 -20.27 -17.56 -15.80
CA ILE E 44 -21.04 -18.39 -14.91
C ILE E 44 -21.63 -17.63 -13.72
N THR E 45 -22.89 -17.89 -13.43
CA THR E 45 -23.56 -17.27 -12.30
C THR E 45 -23.48 -18.25 -11.15
N LEU E 46 -22.73 -17.85 -10.12
CA LEU E 46 -22.51 -18.68 -8.94
C LEU E 46 -23.27 -18.11 -7.77
N ARG E 47 -23.57 -18.98 -6.82
CA ARG E 47 -24.28 -18.55 -5.63
C ARG E 47 -23.88 -19.43 -4.47
N TYR E 48 -23.79 -18.82 -3.29
CA TYR E 48 -23.44 -19.55 -2.10
C TYR E 48 -24.77 -19.64 -1.35
N GLU E 49 -25.72 -20.34 -1.97
CA GLU E 49 -27.05 -20.52 -1.40
C GLU E 49 -27.17 -20.36 0.10
N GLU E 50 -26.15 -20.81 0.84
CA GLU E 50 -26.16 -20.67 2.28
C GLU E 50 -25.88 -19.23 2.64
N TYR E 51 -26.37 -18.32 1.81
CA TYR E 51 -26.18 -16.90 2.02
C TYR E 51 -26.81 -16.09 0.90
N ASP E 52 -27.63 -16.75 0.09
CA ASP E 52 -28.32 -16.12 -1.03
C ASP E 52 -27.62 -14.96 -1.73
N ALA E 53 -26.29 -15.03 -1.84
CA ALA E 53 -25.52 -13.96 -2.48
C ALA E 53 -24.86 -14.44 -3.79
N GLU E 54 -25.44 -14.03 -4.91
CA GLU E 54 -24.94 -14.43 -6.23
C GLU E 54 -23.61 -13.78 -6.58
N LEU E 55 -23.10 -14.13 -7.75
CA LEU E 55 -21.84 -13.58 -8.26
C LEU E 55 -21.56 -14.13 -9.66
N ASN E 56 -21.17 -13.23 -10.57
CA ASN E 56 -20.88 -13.60 -11.95
C ASN E 56 -19.40 -13.54 -12.29
N ILE E 57 -18.86 -14.68 -12.74
CA ILE E 57 -17.45 -14.74 -13.10
C ILE E 57 -17.28 -15.31 -14.50
N ASN E 58 -16.38 -14.72 -15.27
CA ASN E 58 -16.09 -15.21 -16.62
C ASN E 58 -14.90 -16.17 -16.50
N ILE E 59 -15.07 -17.40 -16.96
CA ILE E 59 -13.98 -18.39 -16.92
C ILE E 59 -12.96 -18.00 -17.98
N GLU E 60 -11.86 -17.40 -17.53
CA GLU E 60 -10.81 -16.93 -18.44
C GLU E 60 -10.05 -18.03 -19.16
N ARG E 61 -9.76 -19.11 -18.45
CA ARG E 61 -9.04 -20.21 -19.05
C ARG E 61 -9.37 -21.55 -18.42
N VAL E 62 -9.43 -22.58 -19.26
CA VAL E 62 -9.67 -23.92 -18.81
C VAL E 62 -8.78 -24.86 -19.61
N GLU E 63 -8.00 -25.67 -18.90
CA GLU E 63 -7.14 -26.68 -19.54
C GLU E 63 -7.70 -27.94 -18.90
N ASP E 64 -8.44 -28.72 -19.68
CA ASP E 64 -9.06 -29.93 -19.17
C ASP E 64 -8.20 -30.69 -18.17
N ASN E 65 -8.78 -30.96 -17.01
CA ASN E 65 -8.16 -31.71 -15.93
C ASN E 65 -6.81 -31.17 -15.49
N GLN E 66 -6.59 -29.88 -15.69
CA GLN E 66 -5.30 -29.32 -15.32
C GLN E 66 -5.33 -27.93 -14.73
N LEU E 67 -6.19 -27.06 -15.27
CA LEU E 67 -6.25 -25.69 -14.76
C LEU E 67 -7.53 -24.96 -15.08
N ILE E 68 -7.96 -24.13 -14.13
CA ILE E 68 -9.15 -23.31 -14.28
C ILE E 68 -8.68 -21.93 -13.80
N ALA E 69 -8.95 -20.89 -14.58
CA ALA E 69 -8.52 -19.55 -14.18
C ALA E 69 -9.60 -18.51 -14.37
N PHE E 70 -9.66 -17.58 -13.44
CA PHE E 70 -10.63 -16.48 -13.49
C PHE E 70 -10.17 -15.39 -12.55
N THR E 71 -10.90 -14.29 -12.51
CA THR E 71 -10.55 -13.19 -11.62
C THR E 71 -11.75 -12.87 -10.75
N TRP E 72 -11.49 -12.46 -9.52
CA TRP E 72 -12.53 -12.08 -8.60
C TRP E 72 -11.97 -11.00 -7.67
N GLY E 73 -12.69 -9.89 -7.54
CA GLY E 73 -12.22 -8.83 -6.66
C GLY E 73 -10.88 -8.26 -7.11
N ALA E 74 -10.62 -8.34 -8.40
CA ALA E 74 -9.38 -7.85 -8.98
C ALA E 74 -8.18 -8.74 -8.62
N HIS E 75 -8.47 -9.89 -7.99
CA HIS E 75 -7.41 -10.84 -7.64
C HIS E 75 -7.44 -12.01 -8.61
N PRO E 76 -6.37 -12.21 -9.38
CA PRO E 76 -6.36 -13.33 -10.32
C PRO E 76 -6.34 -14.62 -9.51
N ILE E 77 -7.11 -15.61 -9.97
CA ILE E 77 -7.19 -16.88 -9.27
C ILE E 77 -6.92 -18.02 -10.23
N THR E 78 -6.17 -19.02 -9.76
CA THR E 78 -5.93 -20.21 -10.55
C THR E 78 -6.21 -21.42 -9.67
N ILE E 79 -6.80 -22.44 -10.27
CA ILE E 79 -7.06 -23.70 -9.57
C ILE E 79 -6.35 -24.71 -10.47
N GLN E 80 -5.29 -25.34 -9.96
CA GLN E 80 -4.50 -26.33 -10.73
C GLN E 80 -4.69 -27.73 -10.19
N PHE E 81 -4.60 -28.71 -11.11
CA PHE E 81 -4.77 -30.10 -10.74
C PHE E 81 -3.52 -30.80 -11.25
N GLU E 82 -2.77 -31.40 -10.35
CA GLU E 82 -1.52 -32.11 -10.69
C GLU E 82 -1.61 -33.53 -10.15
N GLU E 83 -1.00 -34.49 -10.84
CA GLU E 83 -1.06 -35.85 -10.36
C GLU E 83 -0.03 -36.14 -9.28
N SER E 84 -0.41 -37.01 -8.34
CA SER E 84 0.45 -37.47 -7.27
C SER E 84 0.23 -38.98 -7.28
N GLU E 85 1.07 -39.72 -6.57
CA GLU E 85 0.90 -41.17 -6.58
C GLU E 85 -0.53 -41.61 -6.22
N ALA E 86 -1.01 -41.19 -5.06
CA ALA E 86 -2.35 -41.59 -4.62
C ALA E 86 -3.51 -40.80 -5.23
N GLY E 87 -3.23 -39.84 -6.10
CA GLY E 87 -4.31 -39.09 -6.69
C GLY E 87 -3.98 -37.75 -7.31
N THR E 88 -4.52 -36.70 -6.69
CA THR E 88 -4.36 -35.36 -7.22
C THR E 88 -3.98 -34.36 -6.14
N VAL E 89 -3.11 -33.43 -6.51
CA VAL E 89 -2.79 -32.33 -5.62
C VAL E 89 -3.49 -31.16 -6.27
N VAL E 90 -4.42 -30.57 -5.54
CA VAL E 90 -5.13 -29.41 -6.05
C VAL E 90 -4.45 -28.23 -5.42
N THR E 91 -4.12 -27.23 -6.25
CA THR E 91 -3.47 -26.02 -5.74
C THR E 91 -4.29 -24.81 -6.16
N THR E 92 -4.71 -24.03 -5.18
CA THR E 92 -5.46 -22.81 -5.44
C THR E 92 -4.51 -21.66 -5.17
N THR E 93 -4.55 -20.66 -6.03
CA THR E 93 -3.70 -19.49 -5.91
C THR E 93 -4.57 -18.25 -6.11
N GLU E 94 -4.59 -17.37 -5.10
CA GLU E 94 -5.34 -16.11 -5.22
C GLU E 94 -4.18 -15.11 -5.17
N LYS E 95 -3.98 -14.38 -6.25
CA LYS E 95 -2.84 -13.51 -6.39
C LYS E 95 -2.95 -12.02 -6.10
N ASP E 96 -1.79 -11.44 -5.79
CA ASP E 96 -1.66 -10.00 -5.56
C ASP E 96 -2.35 -9.39 -4.35
N PHE E 97 -1.88 -9.76 -3.17
CA PHE E 97 -2.37 -9.24 -1.91
C PHE E 97 -1.26 -8.42 -1.27
N ASP E 98 -1.63 -7.45 -0.45
CA ASP E 98 -0.67 -6.64 0.26
C ASP E 98 -0.55 -7.28 1.66
N THR E 99 0.68 -7.52 2.10
CA THR E 99 0.90 -8.16 3.39
C THR E 99 0.58 -7.30 4.61
N GLN E 100 -0.03 -6.15 4.40
CA GLN E 100 -0.36 -5.24 5.49
C GLN E 100 -1.40 -5.80 6.48
N ASP E 101 -2.57 -6.17 5.98
CA ASP E 101 -3.65 -6.70 6.80
C ASP E 101 -3.54 -8.20 7.02
N VAL E 102 -2.88 -8.61 8.09
CA VAL E 102 -2.71 -10.02 8.38
C VAL E 102 -4.04 -10.72 8.65
N LYS E 103 -4.93 -10.08 9.41
CA LYS E 103 -6.22 -10.69 9.70
C LYS E 103 -6.96 -10.99 8.42
N GLN E 104 -6.87 -10.08 7.44
CA GLN E 104 -7.53 -10.27 6.16
C GLN E 104 -6.95 -11.49 5.44
N LEU E 105 -5.62 -11.58 5.42
CA LEU E 105 -4.95 -12.71 4.78
C LEU E 105 -5.41 -14.02 5.42
N LEU E 106 -5.57 -14.01 6.74
CA LEU E 106 -6.02 -15.21 7.47
C LEU E 106 -7.43 -15.59 7.06
N GLY E 107 -8.26 -14.59 6.79
CA GLY E 107 -9.63 -14.84 6.37
C GLY E 107 -9.67 -15.47 4.98
N GLN E 108 -8.89 -14.92 4.06
CA GLN E 108 -8.83 -15.41 2.69
C GLN E 108 -8.28 -16.82 2.69
N LYS E 109 -7.22 -17.02 3.48
CA LYS E 109 -6.59 -18.33 3.60
C LYS E 109 -7.60 -19.32 4.17
N GLU E 110 -8.35 -18.88 5.18
CA GLU E 110 -9.36 -19.75 5.79
C GLU E 110 -10.33 -20.26 4.73
N GLY E 111 -10.76 -19.37 3.84
CA GLY E 111 -11.69 -19.73 2.79
C GLY E 111 -11.19 -20.85 1.89
N TRP E 112 -9.99 -20.70 1.38
CA TRP E 112 -9.38 -21.70 0.50
C TRP E 112 -9.17 -23.06 1.18
N VAL E 113 -8.61 -23.05 2.39
CA VAL E 113 -8.37 -24.30 3.11
C VAL E 113 -9.68 -25.02 3.39
N TYR E 114 -10.70 -24.27 3.80
CA TYR E 114 -11.97 -24.89 4.09
C TYR E 114 -12.61 -25.50 2.83
N MSE E 115 -12.65 -24.75 1.74
CA MSE E 115 -13.24 -25.23 0.49
C MSE E 115 -12.55 -26.53 0.08
O MSE E 115 -13.22 -27.52 -0.26
CB MSE E 115 -13.08 -24.20 -0.62
CG MSE E 115 -13.70 -24.60 -1.99
SE MSE E 115 -12.62 -25.72 -2.99
CE MSE E 115 -11.70 -24.53 -3.86
N LEU E 116 -11.22 -26.52 0.13
CA LEU E 116 -10.43 -27.70 -0.26
C LEU E 116 -10.63 -28.85 0.68
N SER E 117 -10.88 -28.55 1.95
CA SER E 117 -11.14 -29.59 2.93
C SER E 117 -12.50 -30.23 2.61
N CYS E 118 -13.49 -29.38 2.32
CA CYS E 118 -14.82 -29.91 1.99
C CYS E 118 -14.70 -30.77 0.73
N LEU E 119 -13.84 -30.31 -0.19
CA LEU E 119 -13.60 -31.03 -1.44
C LEU E 119 -13.04 -32.44 -1.19
N LYS E 120 -12.01 -32.56 -0.36
CA LYS E 120 -11.43 -33.87 -0.05
C LYS E 120 -12.47 -34.84 0.51
N VAL E 121 -13.25 -34.35 1.47
CA VAL E 121 -14.27 -35.15 2.12
C VAL E 121 -15.30 -35.65 1.11
N TYR E 122 -15.84 -34.71 0.33
CA TYR E 122 -16.84 -35.01 -0.67
C TYR E 122 -16.40 -36.06 -1.69
N LEU E 123 -15.20 -35.90 -2.22
CA LEU E 123 -14.70 -36.84 -3.22
C LEU E 123 -14.19 -38.16 -2.67
N GLU E 124 -13.70 -38.16 -1.44
CA GLU E 124 -13.18 -39.38 -0.84
C GLU E 124 -14.20 -40.20 -0.06
N HIS E 125 -15.28 -39.56 0.40
CA HIS E 125 -16.26 -40.29 1.20
C HIS E 125 -17.71 -40.12 0.80
N GLY E 126 -17.97 -39.28 -0.19
CA GLY E 126 -19.33 -39.08 -0.66
C GLY E 126 -20.27 -38.35 0.27
N VAL E 127 -19.72 -37.62 1.24
CA VAL E 127 -20.53 -36.85 2.19
C VAL E 127 -20.09 -35.38 2.20
N THR E 128 -20.95 -34.48 2.65
CA THR E 128 -20.59 -33.05 2.64
C THR E 128 -20.49 -32.45 4.04
N ILE E 129 -19.68 -31.39 4.14
CA ILE E 129 -19.47 -30.67 5.39
C ILE E 129 -19.41 -29.16 5.14
N ARG E 130 -20.15 -28.69 4.14
CA ARG E 130 -20.18 -27.27 3.79
C ARG E 130 -20.89 -26.37 4.81
N ALA E 131 -20.80 -25.07 4.54
CA ALA E 131 -21.42 -24.02 5.35
C ALA E 131 -21.29 -24.19 6.85
N ALA E 132 -20.12 -24.66 7.30
CA ALA E 132 -19.89 -24.86 8.73
C ALA E 132 -19.05 -23.74 9.35
N ILE E 133 -18.25 -23.06 8.53
CA ILE E 133 -17.44 -21.97 9.05
C ILE E 133 -18.23 -20.68 9.12
N LEU E 134 -18.01 -19.92 10.18
CA LEU E 134 -18.67 -18.63 10.36
C LEU E 134 -17.59 -17.57 10.51
N MSE F 1 -39.00 20.66 -13.45
CA MSE F 1 -37.64 20.45 -12.89
C MSE F 1 -36.56 20.45 -13.97
O MSE F 1 -36.75 19.88 -15.05
CB MSE F 1 -37.58 19.14 -12.11
CG MSE F 1 -37.58 19.30 -10.59
SE MSE F 1 -35.93 20.04 -9.90
CE MSE F 1 -36.36 21.91 -9.92
N ASP F 2 -35.44 21.08 -13.67
CA ASP F 2 -34.31 21.15 -14.59
C ASP F 2 -33.05 20.69 -13.87
N ILE F 3 -32.38 19.69 -14.42
CA ILE F 3 -31.17 19.16 -13.81
C ILE F 3 -29.96 19.96 -14.29
N ILE F 4 -29.37 20.74 -13.39
CA ILE F 4 -28.20 21.54 -13.76
C ILE F 4 -26.96 21.07 -13.01
N THR F 5 -25.88 20.90 -13.74
CA THR F 5 -24.63 20.47 -13.14
C THR F 5 -23.49 21.33 -13.68
N LYS F 6 -22.65 21.82 -12.77
CA LYS F 6 -21.52 22.67 -13.15
C LYS F 6 -20.19 22.07 -12.73
N MSE F 7 -19.29 21.90 -13.69
CA MSE F 7 -17.98 21.34 -13.39
C MSE F 7 -16.84 22.22 -13.88
O MSE F 7 -16.81 22.62 -15.04
CB MSE F 7 -17.84 19.95 -14.02
CG MSE F 7 -16.52 19.26 -13.68
SE MSE F 7 -16.55 18.47 -12.06
CE MSE F 7 -17.56 17.10 -12.48
N GLN F 8 -15.89 22.48 -12.99
CA GLN F 8 -14.72 23.28 -13.35
C GLN F 8 -13.68 22.36 -14.00
N VAL F 9 -13.23 22.73 -15.18
CA VAL F 9 -12.21 21.96 -15.89
C VAL F 9 -11.02 22.90 -16.10
N ASP F 10 -9.82 22.42 -15.78
CA ASP F 10 -8.63 23.25 -15.90
C ASP F 10 -7.98 23.31 -17.27
N VAL F 11 -8.77 23.57 -18.29
CA VAL F 11 -8.27 23.69 -19.66
C VAL F 11 -9.04 24.76 -20.42
N PRO F 12 -8.43 25.31 -21.49
CA PRO F 12 -9.05 26.35 -22.31
C PRO F 12 -10.45 25.96 -22.79
N ARG F 13 -11.36 26.94 -22.75
CA ARG F 13 -12.74 26.74 -23.16
C ARG F 13 -12.87 26.14 -24.56
N GLU F 14 -11.92 26.46 -25.44
CA GLU F 14 -11.93 25.94 -26.81
C GLU F 14 -11.70 24.44 -26.78
N THR F 15 -10.87 23.99 -25.84
CA THR F 15 -10.54 22.58 -25.69
C THR F 15 -11.78 21.79 -25.25
N VAL F 16 -12.44 22.31 -24.22
CA VAL F 16 -13.64 21.66 -23.69
C VAL F 16 -14.72 21.54 -24.77
N PHE F 17 -14.93 22.60 -25.53
CA PHE F 17 -15.94 22.58 -26.59
C PHE F 17 -15.62 21.53 -27.66
N GLU F 18 -14.38 21.53 -28.15
CA GLU F 18 -13.97 20.57 -29.17
C GLU F 18 -14.18 19.13 -28.70
N ALA F 19 -14.05 18.92 -27.40
CA ALA F 19 -14.21 17.61 -26.80
C ALA F 19 -15.51 16.93 -27.23
N PHE F 20 -16.59 17.70 -27.28
CA PHE F 20 -17.89 17.17 -27.68
C PHE F 20 -18.13 17.11 -29.19
N VAL F 21 -17.83 18.19 -29.90
CA VAL F 21 -18.04 18.25 -31.35
C VAL F 21 -17.11 17.40 -32.22
N ASP F 22 -15.83 17.38 -31.89
CA ASP F 22 -14.86 16.57 -32.65
C ASP F 22 -15.09 15.09 -32.34
N PRO F 23 -15.49 14.29 -33.35
CA PRO F 23 -15.74 12.86 -33.15
C PRO F 23 -14.54 12.08 -32.59
N GLU F 24 -13.37 12.69 -32.61
CA GLU F 24 -12.15 12.04 -32.14
C GLU F 24 -11.80 12.36 -30.70
N LYS F 25 -12.65 13.14 -30.04
CA LYS F 25 -12.38 13.50 -28.66
C LYS F 25 -13.44 12.99 -27.70
N ILE F 26 -14.68 12.94 -28.17
CA ILE F 26 -15.79 12.48 -27.33
C ILE F 26 -15.59 11.06 -26.83
N GLY F 27 -14.87 10.25 -27.60
CA GLY F 27 -14.63 8.87 -27.19
C GLY F 27 -13.85 8.78 -25.89
N GLY F 28 -13.23 9.88 -25.48
CA GLY F 28 -12.48 9.87 -24.25
C GLY F 28 -13.30 10.04 -22.99
N PHE F 29 -14.61 10.30 -23.13
CA PHE F 29 -15.42 10.49 -21.94
C PHE F 29 -16.90 10.20 -22.14
N TRP F 30 -17.32 9.92 -23.37
CA TRP F 30 -18.73 9.65 -23.61
C TRP F 30 -18.93 8.63 -24.73
N PHE F 31 -19.81 8.96 -25.67
CA PHE F 31 -20.07 8.07 -26.80
C PHE F 31 -18.77 7.73 -27.52
N SER F 32 -18.68 6.51 -28.02
CA SER F 32 -17.49 6.04 -28.73
C SER F 32 -17.07 6.99 -29.85
N SER F 33 -18.05 7.44 -30.63
CA SER F 33 -17.76 8.36 -31.73
C SER F 33 -19.01 8.98 -32.33
N SER F 34 -18.83 9.88 -33.28
CA SER F 34 -19.94 10.56 -33.95
C SER F 34 -19.83 10.37 -35.46
N SER F 35 -20.96 10.19 -36.12
CA SER F 35 -20.98 10.01 -37.57
C SER F 35 -20.35 11.22 -38.27
N GLU F 36 -20.45 12.39 -37.65
CA GLU F 36 -19.87 13.60 -38.21
C GLU F 36 -19.64 14.60 -37.10
N ARG F 37 -19.10 15.77 -37.43
CA ARG F 37 -18.87 16.78 -36.41
C ARG F 37 -20.19 17.38 -35.95
N TRP F 38 -20.30 17.64 -34.65
CA TRP F 38 -21.51 18.23 -34.09
C TRP F 38 -21.70 19.64 -34.61
N GLU F 39 -22.47 19.76 -35.70
CA GLU F 39 -22.73 21.06 -36.30
C GLU F 39 -24.21 21.40 -36.26
N GLN F 40 -24.51 22.67 -35.96
CA GLN F 40 -25.88 23.13 -35.87
C GLN F 40 -26.71 22.66 -37.06
N GLY F 41 -27.92 22.19 -36.77
CA GLY F 41 -28.82 21.71 -37.81
C GLY F 41 -28.49 20.32 -38.28
N LYS F 42 -27.36 19.78 -37.82
CA LYS F 42 -26.97 18.44 -38.22
C LYS F 42 -27.60 17.34 -37.39
N THR F 43 -27.41 16.11 -37.84
CA THR F 43 -27.94 14.93 -37.14
C THR F 43 -26.85 13.88 -36.98
N ILE F 44 -26.11 13.95 -35.90
CA ILE F 44 -25.04 13.00 -35.67
C ILE F 44 -25.55 11.67 -35.15
N THR F 45 -24.89 10.59 -35.58
CA THR F 45 -25.25 9.25 -35.12
C THR F 45 -24.16 8.80 -34.17
N LEU F 46 -24.45 8.92 -32.88
CA LEU F 46 -23.50 8.55 -31.84
C LEU F 46 -23.50 7.05 -31.61
N ARG F 47 -22.29 6.49 -31.49
CA ARG F 47 -22.12 5.05 -31.27
C ARG F 47 -21.69 4.75 -29.84
N TYR F 48 -21.97 3.53 -29.39
CA TYR F 48 -21.60 3.10 -28.05
C TYR F 48 -21.12 1.65 -28.14
N GLU F 49 -19.86 1.47 -28.53
CA GLU F 49 -19.29 0.15 -28.66
C GLU F 49 -19.55 -0.74 -27.46
N GLU F 50 -19.48 -0.16 -26.27
CA GLU F 50 -19.71 -0.92 -25.06
C GLU F 50 -20.97 -1.77 -25.11
N TYR F 51 -22.04 -1.20 -25.66
CA TYR F 51 -23.29 -1.92 -25.77
C TYR F 51 -23.64 -2.22 -27.21
N ASP F 52 -22.78 -1.78 -28.12
CA ASP F 52 -23.02 -2.00 -29.53
C ASP F 52 -24.32 -1.39 -29.98
N ALA F 53 -24.65 -0.22 -29.44
CA ALA F 53 -25.89 0.47 -29.77
C ALA F 53 -25.65 1.80 -30.48
N GLU F 54 -26.62 2.22 -31.27
CA GLU F 54 -26.54 3.48 -32.01
C GLU F 54 -27.74 4.36 -31.70
N LEU F 55 -27.49 5.66 -31.53
CA LEU F 55 -28.55 6.60 -31.24
C LEU F 55 -28.36 7.86 -32.06
N ASN F 56 -29.44 8.62 -32.26
CA ASN F 56 -29.37 9.85 -33.05
C ASN F 56 -29.92 11.05 -32.30
N ILE F 57 -29.26 12.18 -32.44
CA ILE F 57 -29.69 13.42 -31.80
C ILE F 57 -29.60 14.56 -32.79
N ASN F 58 -30.64 15.39 -32.83
CA ASN F 58 -30.66 16.52 -33.73
C ASN F 58 -30.13 17.77 -33.06
N ILE F 59 -28.98 18.23 -33.54
CA ILE F 59 -28.35 19.43 -33.01
C ILE F 59 -29.19 20.63 -33.44
N GLU F 60 -29.45 21.55 -32.51
CA GLU F 60 -30.25 22.73 -32.80
C GLU F 60 -29.43 24.00 -32.91
N ARG F 61 -28.67 24.30 -31.86
CA ARG F 61 -27.84 25.49 -31.82
C ARG F 61 -26.41 25.12 -31.46
N VAL F 62 -25.45 25.84 -32.04
CA VAL F 62 -24.04 25.58 -31.77
C VAL F 62 -23.23 26.87 -31.69
N GLU F 63 -23.17 27.46 -30.50
CA GLU F 63 -22.40 28.67 -30.33
C GLU F 63 -20.96 28.31 -30.00
N ASP F 64 -20.07 28.45 -30.99
CA ASP F 64 -18.66 28.11 -30.84
C ASP F 64 -18.06 28.43 -29.47
N ASN F 65 -17.58 27.38 -28.80
CA ASN F 65 -16.96 27.53 -27.48
C ASN F 65 -17.88 28.21 -26.48
N GLN F 66 -19.18 28.11 -26.68
CA GLN F 66 -20.10 28.76 -25.76
C GLN F 66 -21.37 27.98 -25.45
N LEU F 67 -22.05 27.49 -26.49
CA LEU F 67 -23.28 26.78 -26.26
C LEU F 67 -23.57 25.71 -27.30
N ILE F 68 -24.46 24.80 -26.94
CA ILE F 68 -24.86 23.71 -27.81
C ILE F 68 -26.17 23.15 -27.26
N ALA F 69 -27.07 22.74 -28.15
CA ALA F 69 -28.35 22.20 -27.73
C ALA F 69 -28.91 21.16 -28.69
N PHE F 70 -29.63 20.18 -28.14
CA PHE F 70 -30.23 19.11 -28.92
C PHE F 70 -31.27 18.43 -28.05
N THR F 71 -32.15 17.65 -28.67
CA THR F 71 -33.20 16.98 -27.89
C THR F 71 -33.12 15.46 -27.94
N TRP F 72 -33.42 14.82 -26.81
CA TRP F 72 -33.40 13.37 -26.68
C TRP F 72 -34.68 12.93 -26.00
N GLY F 73 -35.52 12.20 -26.74
CA GLY F 73 -36.78 11.74 -26.19
C GLY F 73 -37.71 12.92 -25.97
N ALA F 74 -37.87 13.33 -24.72
CA ALA F 74 -38.74 14.46 -24.39
C ALA F 74 -38.04 15.42 -23.44
N HIS F 75 -36.72 15.34 -23.39
CA HIS F 75 -35.95 16.20 -22.48
C HIS F 75 -34.81 16.92 -23.18
N PRO F 76 -35.05 18.16 -23.63
CA PRO F 76 -34.04 18.98 -24.31
C PRO F 76 -32.77 19.08 -23.47
N ILE F 77 -31.63 19.18 -24.12
CA ILE F 77 -30.35 19.28 -23.41
C ILE F 77 -29.50 20.42 -23.95
N THR F 78 -28.74 21.06 -23.07
CA THR F 78 -27.86 22.15 -23.46
C THR F 78 -26.57 22.12 -22.64
N ILE F 79 -25.45 22.37 -23.29
CA ILE F 79 -24.16 22.38 -22.62
C ILE F 79 -23.50 23.75 -22.82
N GLN F 80 -23.17 24.42 -21.72
CA GLN F 80 -22.56 25.74 -21.79
C GLN F 80 -21.16 25.79 -21.20
N PHE F 81 -20.31 26.62 -21.81
CA PHE F 81 -18.94 26.77 -21.36
C PHE F 81 -18.64 28.23 -21.03
N GLU F 82 -18.06 28.46 -19.86
CA GLU F 82 -17.73 29.81 -19.46
C GLU F 82 -16.31 29.91 -18.94
N GLU F 83 -15.54 30.83 -19.52
CA GLU F 83 -14.15 31.02 -19.13
C GLU F 83 -14.02 31.30 -17.64
N SER F 84 -13.12 30.58 -16.99
CA SER F 84 -12.89 30.75 -15.56
C SER F 84 -11.41 31.01 -15.34
N GLU F 85 -11.09 31.56 -14.18
CA GLU F 85 -9.71 31.87 -13.82
C GLU F 85 -8.77 30.70 -14.09
N ALA F 86 -9.17 29.51 -13.65
CA ALA F 86 -8.34 28.31 -13.81
C ALA F 86 -8.55 27.64 -15.17
N GLY F 87 -9.67 27.89 -15.81
CA GLY F 87 -9.91 27.27 -17.10
C GLY F 87 -11.32 27.43 -17.66
N THR F 88 -12.19 26.48 -17.37
CA THR F 88 -13.56 26.52 -17.89
C THR F 88 -14.61 25.95 -16.93
N VAL F 89 -15.79 26.55 -16.93
CA VAL F 89 -16.89 26.09 -16.10
C VAL F 89 -17.94 25.53 -17.07
N VAL F 90 -18.12 24.21 -17.05
CA VAL F 90 -19.09 23.57 -17.94
C VAL F 90 -20.44 23.38 -17.24
N THR F 91 -21.51 23.80 -17.90
CA THR F 91 -22.83 23.66 -17.31
C THR F 91 -23.75 22.82 -18.20
N THR F 92 -24.12 21.65 -17.71
CA THR F 92 -25.01 20.77 -18.46
C THR F 92 -26.44 20.96 -17.95
N THR F 93 -27.42 20.88 -18.84
CA THR F 93 -28.81 21.06 -18.47
C THR F 93 -29.75 20.11 -19.23
N GLU F 94 -30.65 19.45 -18.50
CA GLU F 94 -31.63 18.56 -19.09
C GLU F 94 -32.96 18.99 -18.47
N LYS F 95 -33.80 19.66 -19.25
CA LYS F 95 -35.07 20.18 -18.77
C LYS F 95 -36.31 19.32 -19.02
N ASP F 96 -37.46 19.83 -18.58
CA ASP F 96 -38.73 19.15 -18.77
C ASP F 96 -38.95 17.90 -17.94
N PHE F 97 -38.70 18.01 -16.64
CA PHE F 97 -38.89 16.87 -15.74
C PHE F 97 -40.02 17.08 -14.75
N ASP F 98 -40.75 16.00 -14.48
CA ASP F 98 -41.84 16.02 -13.52
C ASP F 98 -41.31 15.51 -12.18
N THR F 99 -41.71 16.15 -11.08
CA THR F 99 -41.24 15.73 -9.77
C THR F 99 -41.80 14.39 -9.35
N GLN F 100 -42.35 13.65 -10.30
CA GLN F 100 -42.94 12.34 -10.03
C GLN F 100 -41.88 11.38 -9.49
N ASP F 101 -41.21 10.67 -10.40
CA ASP F 101 -40.17 9.72 -10.01
C ASP F 101 -38.91 10.42 -9.51
N VAL F 102 -38.76 10.50 -8.20
CA VAL F 102 -37.58 11.13 -7.62
C VAL F 102 -36.36 10.30 -7.99
N LYS F 103 -36.46 8.99 -7.84
CA LYS F 103 -35.32 8.12 -8.16
C LYS F 103 -34.81 8.33 -9.58
N GLN F 104 -35.72 8.45 -10.55
CA GLN F 104 -35.33 8.65 -11.93
C GLN F 104 -34.60 9.98 -12.08
N LEU F 105 -35.06 11.01 -11.38
CA LEU F 105 -34.40 12.30 -11.43
C LEU F 105 -32.98 12.20 -10.87
N LEU F 106 -32.83 11.49 -9.76
CA LEU F 106 -31.52 11.32 -9.13
C LEU F 106 -30.59 10.51 -10.03
N GLY F 107 -31.16 9.55 -10.76
CA GLY F 107 -30.40 8.73 -11.68
C GLY F 107 -29.80 9.56 -12.80
N GLN F 108 -30.58 10.49 -13.36
CA GLN F 108 -30.06 11.34 -14.43
C GLN F 108 -28.99 12.28 -13.88
N LYS F 109 -29.20 12.79 -12.67
CA LYS F 109 -28.25 13.69 -12.04
C LYS F 109 -26.93 12.94 -11.95
N GLU F 110 -27.02 11.67 -11.56
CA GLU F 110 -25.86 10.80 -11.43
C GLU F 110 -25.11 10.75 -12.76
N GLY F 111 -25.85 10.51 -13.84
CA GLY F 111 -25.27 10.44 -15.16
C GLY F 111 -24.50 11.69 -15.57
N TRP F 112 -25.06 12.86 -15.26
CA TRP F 112 -24.39 14.12 -15.62
C TRP F 112 -23.14 14.38 -14.80
N VAL F 113 -23.20 14.11 -13.50
CA VAL F 113 -22.06 14.33 -12.64
C VAL F 113 -20.93 13.40 -13.07
N TYR F 114 -21.29 12.16 -13.36
CA TYR F 114 -20.32 11.18 -13.81
C TYR F 114 -19.70 11.54 -15.17
N MSE F 115 -20.54 11.86 -16.15
CA MSE F 115 -20.05 12.23 -17.48
C MSE F 115 -19.04 13.36 -17.41
O MSE F 115 -18.00 13.32 -18.05
CB MSE F 115 -21.19 12.65 -18.42
CG MSE F 115 -20.76 13.01 -19.87
SE MSE F 115 -20.15 14.70 -20.16
CE MSE F 115 -21.72 15.50 -20.55
N LEU F 116 -19.38 14.39 -16.62
CA LEU F 116 -18.51 15.55 -16.48
C LEU F 116 -17.20 15.18 -15.80
N SER F 117 -17.27 14.24 -14.86
CA SER F 117 -16.07 13.80 -14.17
C SER F 117 -15.14 13.11 -15.17
N CYS F 118 -15.73 12.33 -16.07
CA CYS F 118 -14.97 11.62 -17.10
C CYS F 118 -14.32 12.62 -18.04
N LEU F 119 -15.04 13.70 -18.33
CA LEU F 119 -14.55 14.74 -19.21
C LEU F 119 -13.36 15.47 -18.57
N LYS F 120 -13.47 15.74 -17.27
CA LYS F 120 -12.41 16.43 -16.54
C LYS F 120 -11.12 15.61 -16.51
N VAL F 121 -11.22 14.31 -16.23
CA VAL F 121 -10.04 13.46 -16.20
C VAL F 121 -9.41 13.34 -17.58
N TYR F 122 -10.26 13.25 -18.61
CA TYR F 122 -9.80 13.15 -19.98
C TYR F 122 -9.00 14.37 -20.42
N LEU F 123 -9.61 15.56 -20.33
CA LEU F 123 -8.96 16.78 -20.74
C LEU F 123 -7.79 17.21 -19.88
N GLU F 124 -7.90 17.00 -18.58
CA GLU F 124 -6.86 17.40 -17.65
C GLU F 124 -5.70 16.42 -17.51
N HIS F 125 -5.96 15.12 -17.65
CA HIS F 125 -4.91 14.13 -17.48
C HIS F 125 -4.69 13.19 -18.65
N GLY F 126 -5.54 13.26 -19.65
CA GLY F 126 -5.37 12.40 -20.81
C GLY F 126 -5.80 10.96 -20.56
N VAL F 127 -6.09 10.63 -19.31
CA VAL F 127 -6.52 9.28 -18.96
C VAL F 127 -8.04 9.24 -18.86
N THR F 128 -8.62 8.10 -19.21
CA THR F 128 -10.08 7.97 -19.18
C THR F 128 -10.62 6.84 -18.32
N ILE F 129 -11.83 7.04 -17.79
CA ILE F 129 -12.49 6.02 -16.98
C ILE F 129 -13.70 5.53 -17.77
N ARG F 130 -14.19 4.33 -17.43
CA ARG F 130 -15.33 3.74 -18.12
C ARG F 130 -16.46 4.75 -18.31
N ALA F 131 -16.65 5.20 -19.55
CA ALA F 131 -17.70 6.16 -19.86
C ALA F 131 -19.07 5.49 -19.80
N ALA F 132 -20.11 6.30 -19.61
CA ALA F 132 -21.47 5.77 -19.53
C ALA F 132 -22.35 6.33 -20.65
N ILE F 133 -23.44 5.61 -20.96
CA ILE F 133 -24.38 6.00 -22.01
C ILE F 133 -25.14 7.27 -21.63
N LEU F 134 -25.61 7.32 -20.39
CA LEU F 134 -26.33 8.49 -19.88
C LEU F 134 -27.68 8.75 -20.56
N LEU F 135 -27.63 9.00 -21.87
CA LEU F 135 -28.84 9.27 -22.64
C LEU F 135 -29.32 8.02 -23.36
N MSE G 1 -36.81 8.52 2.50
CA MSE G 1 -36.04 7.97 1.36
C MSE G 1 -34.54 8.00 1.63
O MSE G 1 -34.05 8.92 2.25
CB MSE G 1 -36.32 8.78 0.11
CG MSE G 1 -35.83 8.15 -1.16
SE MSE G 1 -35.65 9.50 -2.50
CE MSE G 1 -33.85 9.09 -3.03
N ASP G 2 -33.83 6.97 1.17
CA ASP G 2 -32.39 6.95 1.34
C ASP G 2 -31.74 7.24 -0.02
N ILE G 3 -30.60 7.90 0.00
CA ILE G 3 -29.88 8.23 -1.22
C ILE G 3 -28.80 7.18 -1.33
N ILE G 4 -28.95 6.28 -2.29
CA ILE G 4 -28.00 5.16 -2.46
C ILE G 4 -27.25 5.32 -3.76
N THR G 5 -25.93 5.30 -3.68
CA THR G 5 -25.14 5.46 -4.88
C THR G 5 -24.09 4.36 -4.98
N LYS G 6 -23.94 3.80 -6.18
CA LYS G 6 -22.96 2.73 -6.39
C LYS G 6 -21.91 3.10 -7.43
N MSE G 7 -20.67 2.72 -7.15
CA MSE G 7 -19.58 2.98 -8.07
C MSE G 7 -18.63 1.78 -8.11
O MSE G 7 -18.18 1.29 -7.07
CB MSE G 7 -18.80 4.23 -7.66
CG MSE G 7 -17.72 4.67 -8.67
SE MSE G 7 -18.32 5.30 -10.26
CE MSE G 7 -18.99 6.96 -9.75
N GLN G 8 -18.38 1.28 -9.32
CA GLN G 8 -17.45 0.17 -9.53
C GLN G 8 -16.06 0.80 -9.66
N VAL G 9 -15.11 0.27 -8.89
CA VAL G 9 -13.72 0.75 -8.94
C VAL G 9 -12.89 -0.51 -9.19
N ASP G 10 -12.11 -0.50 -10.26
CA ASP G 10 -11.32 -1.67 -10.64
C ASP G 10 -10.03 -1.97 -9.87
N VAL G 11 -10.15 -2.11 -8.55
CA VAL G 11 -9.00 -2.47 -7.70
C VAL G 11 -9.57 -3.30 -6.57
N PRO G 12 -8.72 -4.05 -5.84
CA PRO G 12 -9.19 -4.89 -4.73
C PRO G 12 -9.90 -4.12 -3.62
N ARG G 13 -10.81 -4.81 -2.94
CA ARG G 13 -11.57 -4.20 -1.87
C ARG G 13 -10.68 -3.58 -0.80
N GLU G 14 -9.62 -4.27 -0.40
CA GLU G 14 -8.74 -3.72 0.63
C GLU G 14 -8.09 -2.42 0.19
N THR G 15 -7.79 -2.31 -1.10
CA THR G 15 -7.18 -1.11 -1.66
C THR G 15 -8.16 0.07 -1.54
N VAL G 16 -9.43 -0.18 -1.83
CA VAL G 16 -10.45 0.86 -1.75
C VAL G 16 -10.74 1.25 -0.31
N PHE G 17 -10.81 0.25 0.58
CA PHE G 17 -11.08 0.52 1.99
C PHE G 17 -10.00 1.42 2.57
N GLU G 18 -8.74 1.14 2.23
CA GLU G 18 -7.61 1.93 2.72
C GLU G 18 -7.66 3.39 2.28
N ALA G 19 -8.13 3.61 1.05
CA ALA G 19 -8.23 4.95 0.51
C ALA G 19 -9.11 5.84 1.39
N PHE G 20 -10.09 5.25 2.07
CA PHE G 20 -10.95 6.05 2.96
C PHE G 20 -10.36 6.25 4.37
N VAL G 21 -9.87 5.18 4.97
CA VAL G 21 -9.35 5.27 6.33
C VAL G 21 -7.94 5.84 6.51
N ASP G 22 -7.11 5.77 5.47
CA ASP G 22 -5.75 6.30 5.54
C ASP G 22 -5.84 7.81 5.39
N PRO G 23 -5.39 8.58 6.39
CA PRO G 23 -5.46 10.05 6.30
C PRO G 23 -4.78 10.67 5.08
N GLU G 24 -3.78 9.99 4.54
CA GLU G 24 -3.04 10.50 3.39
C GLU G 24 -3.74 10.28 2.06
N LYS G 25 -4.40 9.14 1.90
CA LYS G 25 -5.07 8.83 0.64
C LYS G 25 -6.44 9.52 0.45
N ILE G 26 -7.17 9.74 1.54
CA ILE G 26 -8.50 10.35 1.41
C ILE G 26 -8.48 11.69 0.67
N GLY G 27 -7.42 12.46 0.87
CA GLY G 27 -7.28 13.74 0.22
C GLY G 27 -7.16 13.61 -1.28
N GLY G 28 -7.06 12.38 -1.78
CA GLY G 28 -6.96 12.19 -3.21
C GLY G 28 -8.31 12.25 -3.92
N PHE G 29 -9.41 12.20 -3.14
CA PHE G 29 -10.74 12.22 -3.73
C PHE G 29 -11.86 12.78 -2.85
N TRP G 30 -11.61 12.94 -1.56
CA TRP G 30 -12.66 13.46 -0.68
C TRP G 30 -12.09 14.55 0.21
N PHE G 31 -12.30 14.42 1.51
CA PHE G 31 -11.80 15.41 2.46
C PHE G 31 -10.33 15.73 2.21
N SER G 32 -9.98 17.00 2.43
CA SER G 32 -8.63 17.48 2.26
C SER G 32 -7.76 16.94 3.39
N SER G 33 -8.35 16.88 4.58
CA SER G 33 -7.64 16.41 5.76
C SER G 33 -8.45 15.50 6.67
N SER G 34 -7.76 14.54 7.29
CA SER G 34 -8.36 13.63 8.23
C SER G 34 -7.40 13.64 9.41
N SER G 35 -7.90 13.92 10.60
CA SER G 35 -7.06 14.01 11.79
C SER G 35 -6.24 12.75 12.09
N GLU G 36 -6.80 11.59 11.77
CA GLU G 36 -6.08 10.34 12.02
C GLU G 36 -6.81 9.22 11.29
N ARG G 37 -6.21 8.03 11.33
CA ARG G 37 -6.78 6.87 10.68
C ARG G 37 -8.18 6.52 11.20
N TRP G 38 -9.12 6.30 10.29
CA TRP G 38 -10.48 5.96 10.71
C TRP G 38 -10.52 4.60 11.38
N GLU G 39 -10.98 4.58 12.62
CA GLU G 39 -11.08 3.36 13.39
C GLU G 39 -12.36 3.45 14.19
N GLN G 40 -12.99 2.32 14.40
CA GLN G 40 -14.25 2.27 15.14
C GLN G 40 -14.08 2.89 16.52
N GLY G 41 -15.00 3.78 16.87
CA GLY G 41 -14.94 4.42 18.18
C GLY G 41 -14.12 5.69 18.24
N LYS G 42 -13.42 6.05 17.16
CA LYS G 42 -12.61 7.26 17.15
C LYS G 42 -13.38 8.48 16.66
N THR G 43 -13.04 9.65 17.18
CA THR G 43 -13.67 10.88 16.74
C THR G 43 -12.68 11.53 15.79
N ILE G 44 -13.00 11.51 14.50
CA ILE G 44 -12.11 12.09 13.50
C ILE G 44 -12.50 13.51 13.10
N THR G 45 -11.48 14.35 12.96
CA THR G 45 -11.69 15.73 12.56
C THR G 45 -11.37 15.81 11.07
N LEU G 46 -12.39 16.13 10.28
CA LEU G 46 -12.27 16.23 8.83
C LEU G 46 -12.44 17.67 8.38
N ARG G 47 -11.94 17.96 7.17
CA ARG G 47 -12.06 19.30 6.65
C ARG G 47 -11.80 19.34 5.15
N TYR G 48 -12.11 20.48 4.55
CA TYR G 48 -11.89 20.69 3.14
C TYR G 48 -10.99 21.91 2.96
N GLU G 49 -9.68 21.69 2.98
CA GLU G 49 -8.74 22.79 2.82
C GLU G 49 -9.07 23.61 1.60
N GLU G 50 -9.93 23.08 0.75
CA GLU G 50 -10.34 23.79 -0.45
C GLU G 50 -11.28 24.92 -0.07
N TYR G 51 -11.45 25.09 1.24
CA TYR G 51 -12.34 26.13 1.74
C TYR G 51 -13.72 25.57 2.00
N ASP G 52 -14.15 25.68 3.25
CA ASP G 52 -15.46 25.17 3.60
C ASP G 52 -15.53 24.69 5.03
N ALA G 53 -16.66 24.07 5.37
CA ALA G 53 -16.88 23.57 6.71
C ALA G 53 -15.99 22.40 7.11
N GLU G 54 -15.43 22.50 8.32
CA GLU G 54 -14.60 21.44 8.87
C GLU G 54 -15.64 20.60 9.61
N LEU G 55 -15.25 19.46 10.15
CA LEU G 55 -16.23 18.66 10.86
C LEU G 55 -15.66 17.52 11.70
N ASN G 56 -16.38 17.18 12.75
CA ASN G 56 -15.99 16.11 13.65
C ASN G 56 -17.04 15.02 13.61
N ILE G 57 -16.63 13.81 13.25
CA ILE G 57 -17.55 12.69 13.19
C ILE G 57 -16.99 11.51 13.96
N ASN G 58 -17.86 10.83 14.68
CA ASN G 58 -17.46 9.64 15.42
C ASN G 58 -17.72 8.43 14.55
N ILE G 59 -16.70 7.62 14.31
CA ILE G 59 -16.84 6.41 13.49
C ILE G 59 -17.59 5.39 14.33
N GLU G 60 -18.86 5.18 13.99
CA GLU G 60 -19.70 4.26 14.75
C GLU G 60 -19.36 2.79 14.54
N ARG G 61 -19.04 2.43 13.31
CA ARG G 61 -18.71 1.05 12.98
C ARG G 61 -17.71 0.95 11.84
N VAL G 62 -16.87 -0.07 11.93
CA VAL G 62 -15.90 -0.33 10.90
C VAL G 62 -15.75 -1.85 10.84
N GLU G 63 -15.99 -2.40 9.65
CA GLU G 63 -15.79 -3.83 9.42
C GLU G 63 -14.74 -3.78 8.32
N ASP G 64 -13.51 -4.12 8.69
CA ASP G 64 -12.40 -4.08 7.75
C ASP G 64 -12.76 -4.51 6.34
N ASN G 65 -12.43 -3.64 5.39
CA ASN G 65 -12.65 -3.88 3.98
C ASN G 65 -14.10 -4.18 3.62
N GLN G 66 -15.04 -3.77 4.45
CA GLN G 66 -16.43 -4.11 4.17
C GLN G 66 -17.45 -3.00 4.45
N LEU G 67 -17.26 -2.31 5.57
CA LEU G 67 -18.23 -1.27 5.92
C LEU G 67 -17.69 -0.20 6.88
N ILE G 68 -18.12 1.04 6.65
CA ILE G 68 -17.75 2.16 7.50
C ILE G 68 -19.09 2.84 7.78
N ALA G 69 -19.39 3.09 9.04
CA ALA G 69 -20.66 3.74 9.38
C ALA G 69 -20.48 4.91 10.32
N PHE G 70 -21.26 5.96 10.09
CA PHE G 70 -21.22 7.15 10.95
C PHE G 70 -22.49 7.93 10.67
N THR G 71 -22.71 9.00 11.44
CA THR G 71 -23.88 9.83 11.26
C THR G 71 -23.43 11.27 11.01
N TRP G 72 -24.18 11.98 10.18
CA TRP G 72 -23.89 13.38 9.90
C TRP G 72 -25.20 14.10 9.61
N GLY G 73 -25.43 15.22 10.28
CA GLY G 73 -26.66 15.98 10.04
C GLY G 73 -27.89 15.16 10.42
N ALA G 74 -27.71 14.26 11.38
CA ALA G 74 -28.79 13.38 11.86
C ALA G 74 -29.19 12.33 10.81
N HIS G 75 -28.38 12.21 9.75
CA HIS G 75 -28.65 11.21 8.71
C HIS G 75 -27.66 10.06 8.83
N PRO G 76 -28.13 8.84 9.08
CA PRO G 76 -27.20 7.72 9.20
C PRO G 76 -26.53 7.52 7.85
N ILE G 77 -25.23 7.24 7.86
CA ILE G 77 -24.49 7.03 6.62
C ILE G 77 -23.71 5.73 6.70
N THR G 78 -23.75 4.97 5.60
CA THR G 78 -22.95 3.75 5.52
C THR G 78 -22.18 3.75 4.21
N ILE G 79 -20.95 3.26 4.26
CA ILE G 79 -20.11 3.15 3.08
C ILE G 79 -19.75 1.66 3.06
N GLN G 80 -20.21 0.96 2.03
CA GLN G 80 -19.95 -0.48 1.92
C GLN G 80 -19.04 -0.81 0.76
N PHE G 81 -18.28 -1.89 0.93
CA PHE G 81 -17.34 -2.33 -0.09
C PHE G 81 -17.67 -3.80 -0.34
N GLU G 82 -18.02 -4.12 -1.57
CA GLU G 82 -18.38 -5.47 -1.96
C GLU G 82 -17.54 -5.88 -3.16
N GLU G 83 -17.19 -7.16 -3.26
CA GLU G 83 -16.39 -7.58 -4.40
C GLU G 83 -17.21 -7.80 -5.65
N SER G 84 -16.60 -7.52 -6.80
CA SER G 84 -17.17 -7.75 -8.12
C SER G 84 -16.01 -8.35 -8.89
N GLU G 85 -16.29 -8.96 -10.04
CA GLU G 85 -15.22 -9.59 -10.82
C GLU G 85 -13.99 -8.69 -11.03
N ALA G 86 -14.20 -7.51 -11.60
CA ALA G 86 -13.08 -6.59 -11.88
C ALA G 86 -12.60 -5.76 -10.70
N GLY G 87 -13.22 -5.92 -9.53
CA GLY G 87 -12.77 -5.14 -8.39
C GLY G 87 -13.73 -4.98 -7.25
N THR G 88 -14.15 -3.74 -7.02
CA THR G 88 -15.03 -3.42 -5.92
C THR G 88 -16.20 -2.54 -6.30
N VAL G 89 -17.36 -2.84 -5.71
CA VAL G 89 -18.52 -1.97 -5.89
C VAL G 89 -18.61 -1.24 -4.57
N VAL G 90 -18.52 0.09 -4.61
CA VAL G 90 -18.63 0.86 -3.40
C VAL G 90 -20.05 1.39 -3.39
N THR G 91 -20.75 1.25 -2.27
CA THR G 91 -22.11 1.74 -2.16
C THR G 91 -22.21 2.69 -0.98
N THR G 92 -22.65 3.92 -1.25
CA THR G 92 -22.83 4.89 -0.19
C THR G 92 -24.32 5.03 0.03
N THR G 93 -24.71 5.10 1.31
CA THR G 93 -26.11 5.24 1.67
C THR G 93 -26.26 6.34 2.70
N GLU G 94 -27.02 7.38 2.36
CA GLU G 94 -27.30 8.45 3.32
C GLU G 94 -28.80 8.28 3.56
N LYS G 95 -29.16 7.93 4.79
CA LYS G 95 -30.53 7.59 5.12
C LYS G 95 -31.47 8.60 5.74
N ASP G 96 -32.76 8.33 5.53
CA ASP G 96 -33.83 9.14 6.11
C ASP G 96 -34.03 10.57 5.62
N PHE G 97 -34.40 10.70 4.34
CA PHE G 97 -34.68 11.99 3.71
C PHE G 97 -36.17 12.03 3.37
N ASP G 98 -36.74 13.22 3.42
CA ASP G 98 -38.14 13.41 3.06
C ASP G 98 -38.18 13.83 1.57
N THR G 99 -38.91 13.07 0.76
CA THR G 99 -38.98 13.34 -0.68
C THR G 99 -39.62 14.66 -1.08
N GLN G 100 -39.85 15.55 -0.11
CA GLN G 100 -40.46 16.83 -0.41
C GLN G 100 -39.61 17.78 -1.26
N ASP G 101 -38.36 18.00 -0.86
CA ASP G 101 -37.47 18.90 -1.57
C ASP G 101 -36.56 18.18 -2.58
N VAL G 102 -37.02 18.11 -3.83
CA VAL G 102 -36.26 17.44 -4.88
C VAL G 102 -34.90 18.09 -5.17
N LYS G 103 -34.86 19.42 -5.13
CA LYS G 103 -33.62 20.13 -5.38
C LYS G 103 -32.59 19.75 -4.33
N GLN G 104 -33.03 19.51 -3.10
CA GLN G 104 -32.08 19.13 -2.05
C GLN G 104 -31.57 17.71 -2.30
N LEU G 105 -32.48 16.80 -2.64
CA LEU G 105 -32.10 15.42 -2.92
C LEU G 105 -31.07 15.38 -4.06
N LEU G 106 -31.27 16.22 -5.07
CA LEU G 106 -30.34 16.29 -6.20
C LEU G 106 -28.98 16.79 -5.74
N GLY G 107 -28.97 17.75 -4.83
CA GLY G 107 -27.73 18.28 -4.29
C GLY G 107 -26.97 17.19 -3.53
N GLN G 108 -27.69 16.48 -2.68
CA GLN G 108 -27.10 15.40 -1.89
C GLN G 108 -26.56 14.31 -2.81
N LYS G 109 -27.37 13.93 -3.79
CA LYS G 109 -26.99 12.91 -4.74
C LYS G 109 -25.73 13.35 -5.48
N GLU G 110 -25.69 14.62 -5.84
CA GLU G 110 -24.54 15.17 -6.56
C GLU G 110 -23.24 14.96 -5.76
N GLY G 111 -23.31 15.23 -4.47
CA GLY G 111 -22.14 15.07 -3.62
C GLY G 111 -21.60 13.66 -3.62
N TRP G 112 -22.47 12.68 -3.44
CA TRP G 112 -22.06 11.28 -3.42
C TRP G 112 -21.50 10.79 -4.76
N VAL G 113 -22.20 11.08 -5.85
CA VAL G 113 -21.74 10.64 -7.17
C VAL G 113 -20.38 11.28 -7.50
N TYR G 114 -20.22 12.55 -7.15
CA TYR G 114 -18.96 13.21 -7.44
C TYR G 114 -17.80 12.61 -6.62
N MSE G 115 -18.02 12.44 -5.33
CA MSE G 115 -16.98 11.87 -4.46
C MSE G 115 -16.54 10.51 -4.99
O MSE G 115 -15.34 10.25 -5.11
CB MSE G 115 -17.51 11.71 -3.02
CG MSE G 115 -16.49 11.17 -1.99
SE MSE G 115 -16.27 9.32 -2.03
CE MSE G 115 -17.58 8.89 -0.96
N LEU G 116 -17.52 9.67 -5.34
CA LEU G 116 -17.24 8.32 -5.85
C LEU G 116 -16.56 8.35 -7.20
N SER G 117 -16.85 9.38 -7.99
CA SER G 117 -16.22 9.55 -9.29
C SER G 117 -14.74 9.91 -9.07
N CYS G 118 -14.49 10.83 -8.14
CA CYS G 118 -13.10 11.24 -7.84
C CYS G 118 -12.35 10.03 -7.30
N LEU G 119 -13.08 9.18 -6.57
CA LEU G 119 -12.49 7.97 -6.00
C LEU G 119 -12.05 6.99 -7.11
N LYS G 120 -12.92 6.74 -8.08
CA LYS G 120 -12.59 5.83 -9.18
C LYS G 120 -11.34 6.31 -9.93
N VAL G 121 -11.31 7.60 -10.21
CA VAL G 121 -10.19 8.19 -10.92
C VAL G 121 -8.88 8.07 -10.15
N TYR G 122 -8.94 8.44 -8.87
CA TYR G 122 -7.75 8.40 -8.02
C TYR G 122 -7.15 7.01 -7.87
N LEU G 123 -7.99 6.01 -7.69
CA LEU G 123 -7.48 4.65 -7.51
C LEU G 123 -7.13 3.93 -8.81
N GLU G 124 -7.81 4.25 -9.90
CA GLU G 124 -7.52 3.59 -11.17
C GLU G 124 -6.44 4.28 -11.99
N HIS G 125 -6.17 5.56 -11.73
CA HIS G 125 -5.17 6.27 -12.50
C HIS G 125 -4.18 7.09 -11.68
N GLY G 126 -4.37 7.11 -10.37
CA GLY G 126 -3.44 7.85 -9.52
C GLY G 126 -3.41 9.36 -9.71
N VAL G 127 -4.48 9.92 -10.26
CA VAL G 127 -4.58 11.37 -10.47
C VAL G 127 -5.85 11.88 -9.80
N THR G 128 -5.88 13.15 -9.42
CA THR G 128 -7.05 13.70 -8.74
C THR G 128 -7.82 14.72 -9.55
N ILE G 129 -9.11 14.83 -9.25
CA ILE G 129 -10.04 15.77 -9.92
C ILE G 129 -11.07 16.22 -8.88
N ARG G 130 -10.64 16.27 -7.62
CA ARG G 130 -11.52 16.56 -6.48
C ARG G 130 -11.41 18.08 -6.68
N ALA G 131 -12.10 18.89 -5.91
CA ALA G 131 -12.01 20.33 -6.14
C ALA G 131 -12.90 21.04 -7.13
N ALA G 132 -13.61 20.26 -7.94
CA ALA G 132 -14.50 20.81 -8.95
C ALA G 132 -15.93 21.00 -8.45
N ILE G 133 -16.88 20.88 -9.36
CA ILE G 133 -18.31 21.07 -9.09
C ILE G 133 -18.58 22.27 -8.19
N LEU G 134 -19.36 23.20 -8.73
CA LEU G 134 -19.72 24.43 -8.04
C LEU G 134 -21.13 24.30 -7.46
N MSE H 1 -0.95 -11.35 17.63
CA MSE H 1 -1.89 -12.13 16.79
C MSE H 1 -2.42 -13.37 17.49
O MSE H 1 -1.67 -14.09 18.14
CB MSE H 1 -1.23 -12.54 15.48
CG MSE H 1 -1.53 -11.63 14.28
SE MSE H 1 -3.37 -11.77 13.65
CE MSE H 1 -4.19 -10.42 14.76
N ASP H 2 -3.71 -13.61 17.34
CA ASP H 2 -4.36 -14.78 17.92
C ASP H 2 -5.18 -15.47 16.84
N ILE H 3 -4.72 -16.61 16.38
CA ILE H 3 -5.43 -17.35 15.33
C ILE H 3 -6.73 -17.95 15.88
N ILE H 4 -7.86 -17.39 15.48
CA ILE H 4 -9.14 -17.91 15.94
C ILE H 4 -9.91 -18.54 14.79
N THR H 5 -10.43 -19.75 15.01
CA THR H 5 -11.20 -20.45 14.00
C THR H 5 -12.44 -21.06 14.63
N LYS H 6 -13.59 -20.90 13.97
CA LYS H 6 -14.83 -21.44 14.50
C LYS H 6 -15.52 -22.33 13.50
N MSE H 7 -15.92 -23.52 13.94
CA MSE H 7 -16.58 -24.48 13.08
C MSE H 7 -17.87 -25.02 13.68
O MSE H 7 -17.89 -25.40 14.85
CB MSE H 7 -15.65 -25.66 12.80
CG MSE H 7 -16.22 -26.71 11.86
SE MSE H 7 -16.01 -26.24 10.15
CE MSE H 7 -14.28 -26.49 10.02
N GLN H 8 -18.93 -25.05 12.89
CA GLN H 8 -20.20 -25.60 13.37
C GLN H 8 -20.17 -27.11 13.14
N VAL H 9 -20.42 -27.87 14.20
CA VAL H 9 -20.46 -29.32 14.11
C VAL H 9 -21.86 -29.70 14.58
N ASP H 10 -22.52 -30.59 13.85
CA ASP H 10 -23.88 -30.97 14.19
C ASP H 10 -24.04 -32.17 15.10
N VAL H 11 -23.49 -32.07 16.31
CA VAL H 11 -23.59 -33.13 17.29
C VAL H 11 -23.57 -32.49 18.68
N PRO H 12 -24.10 -33.20 19.69
CA PRO H 12 -24.14 -32.66 21.05
C PRO H 12 -22.76 -32.21 21.52
N ARG H 13 -22.74 -31.10 22.25
CA ARG H 13 -21.51 -30.51 22.76
C ARG H 13 -20.67 -31.49 23.59
N GLU H 14 -21.33 -32.41 24.29
CA GLU H 14 -20.63 -33.40 25.10
C GLU H 14 -19.86 -34.34 24.18
N THR H 15 -20.42 -34.59 23.00
CA THR H 15 -19.81 -35.48 22.03
C THR H 15 -18.51 -34.88 21.50
N VAL H 16 -18.57 -33.60 21.13
CA VAL H 16 -17.40 -32.91 20.62
C VAL H 16 -16.30 -32.87 21.66
N PHE H 17 -16.66 -32.58 22.91
CA PHE H 17 -15.68 -32.53 23.99
C PHE H 17 -15.00 -33.88 24.19
N GLU H 18 -15.78 -34.94 24.21
CA GLU H 18 -15.24 -36.29 24.39
C GLU H 18 -14.27 -36.64 23.26
N ALA H 19 -14.53 -36.09 22.08
CA ALA H 19 -13.71 -36.35 20.91
C ALA H 19 -12.23 -36.06 21.19
N PHE H 20 -11.96 -35.01 21.95
CA PHE H 20 -10.58 -34.64 22.28
C PHE H 20 -10.00 -35.37 23.50
N VAL H 21 -10.74 -35.40 24.60
CA VAL H 21 -10.28 -36.05 25.83
C VAL H 21 -10.19 -37.57 25.81
N ASP H 22 -11.24 -38.23 25.33
CA ASP H 22 -11.26 -39.69 25.27
C ASP H 22 -10.13 -40.16 24.33
N PRO H 23 -9.12 -40.85 24.87
CA PRO H 23 -7.99 -41.35 24.08
C PRO H 23 -8.37 -42.22 22.88
N GLU H 24 -9.57 -42.78 22.90
CA GLU H 24 -10.01 -43.64 21.82
C GLU H 24 -10.87 -42.97 20.77
N LYS H 25 -10.94 -41.64 20.82
CA LYS H 25 -11.75 -40.90 19.86
C LYS H 25 -10.92 -39.90 19.07
N ILE H 26 -9.95 -39.28 19.72
CA ILE H 26 -9.11 -38.28 19.06
C ILE H 26 -8.46 -38.83 17.80
N GLY H 27 -8.21 -40.14 17.78
CA GLY H 27 -7.59 -40.76 16.62
C GLY H 27 -8.41 -40.62 15.35
N GLY H 28 -9.68 -40.24 15.51
CA GLY H 28 -10.53 -40.09 14.35
C GLY H 28 -10.35 -38.80 13.59
N PHE H 29 -9.59 -37.86 14.16
CA PHE H 29 -9.41 -36.58 13.49
C PHE H 29 -8.10 -35.86 13.79
N TRP H 30 -7.31 -36.40 14.72
CA TRP H 30 -6.05 -35.75 15.06
C TRP H 30 -4.99 -36.76 15.45
N PHE H 31 -4.40 -36.58 16.63
CA PHE H 31 -3.37 -37.49 17.13
C PHE H 31 -3.92 -38.91 17.23
N SER H 32 -3.05 -39.89 17.01
CA SER H 32 -3.42 -41.31 17.07
C SER H 32 -4.12 -41.66 18.38
N SER H 33 -3.49 -41.29 19.49
CA SER H 33 -4.04 -41.59 20.81
C SER H 33 -3.47 -40.69 21.91
N SER H 34 -3.91 -40.95 23.14
CA SER H 34 -3.44 -40.18 24.30
C SER H 34 -3.06 -41.15 25.42
N SER H 35 -1.92 -40.91 26.06
CA SER H 35 -1.46 -41.75 27.15
C SER H 35 -2.57 -41.94 28.18
N GLU H 36 -3.38 -40.91 28.37
CA GLU H 36 -4.48 -40.99 29.31
C GLU H 36 -5.53 -39.96 28.96
N ARG H 37 -6.66 -39.96 29.67
CA ARG H 37 -7.71 -39.00 29.39
C ARG H 37 -7.22 -37.58 29.69
N TRP H 38 -7.60 -36.65 28.83
CA TRP H 38 -7.21 -35.25 28.99
C TRP H 38 -7.84 -34.66 30.24
N GLU H 39 -7.08 -34.63 31.33
CA GLU H 39 -7.56 -34.09 32.59
C GLU H 39 -6.68 -32.95 33.05
N GLN H 40 -7.31 -31.94 33.63
CA GLN H 40 -6.60 -30.76 34.13
C GLN H 40 -5.40 -31.12 34.99
N GLY H 41 -4.29 -30.42 34.75
CA GLY H 41 -3.09 -30.65 35.52
C GLY H 41 -2.31 -31.88 35.08
N LYS H 42 -2.90 -32.68 34.20
CA LYS H 42 -2.21 -33.86 33.74
C LYS H 42 -1.30 -33.59 32.55
N THR H 43 -0.46 -34.55 32.22
CA THR H 43 0.46 -34.42 31.09
C THR H 43 0.27 -35.58 30.14
N ILE H 44 -0.58 -35.38 29.13
CA ILE H 44 -0.83 -36.43 28.17
C ILE H 44 0.26 -36.54 27.13
N THR H 45 0.58 -37.78 26.74
CA THR H 45 1.61 -38.02 25.73
C THR H 45 0.90 -38.45 24.45
N LEU H 46 0.67 -37.48 23.58
CA LEU H 46 -0.01 -37.72 22.31
C LEU H 46 0.89 -38.40 21.28
N ARG H 47 0.38 -39.48 20.70
CA ARG H 47 1.11 -40.24 19.69
C ARG H 47 0.63 -39.92 18.28
N TYR H 48 1.53 -40.05 17.32
CA TYR H 48 1.20 -39.82 15.92
C TYR H 48 1.85 -40.93 15.12
N GLU H 49 1.19 -42.08 15.09
CA GLU H 49 1.71 -43.25 14.39
C GLU H 49 2.09 -42.99 12.93
N GLU H 50 1.40 -42.08 12.28
CA GLU H 50 1.72 -41.78 10.88
C GLU H 50 3.21 -41.45 10.72
N TYR H 51 3.75 -40.67 11.64
CA TYR H 51 5.16 -40.30 11.59
C TYR H 51 5.92 -41.02 12.70
N ASP H 52 5.18 -41.79 13.51
CA ASP H 52 5.79 -42.52 14.61
C ASP H 52 6.49 -41.61 15.60
N ALA H 53 5.92 -40.44 15.83
CA ALA H 53 6.50 -39.47 16.76
C ALA H 53 5.57 -39.18 17.93
N GLU H 54 6.16 -38.76 19.05
CA GLU H 54 5.40 -38.44 20.25
C GLU H 54 5.67 -37.01 20.70
N LEU H 55 4.66 -36.39 21.30
CA LEU H 55 4.78 -35.03 21.80
C LEU H 55 4.03 -34.91 23.10
N ASN H 56 4.42 -33.96 23.94
CA ASN H 56 3.77 -33.77 25.23
C ASN H 56 3.17 -32.38 25.40
N ILE H 57 2.03 -32.32 26.08
CA ILE H 57 1.35 -31.06 26.33
C ILE H 57 0.75 -31.09 27.73
N ASN H 58 1.08 -30.09 28.53
CA ASN H 58 0.55 -30.02 29.88
C ASN H 58 -0.80 -29.35 29.86
N ILE H 59 -1.83 -30.09 30.25
CA ILE H 59 -3.18 -29.56 30.29
C ILE H 59 -3.28 -28.61 31.47
N GLU H 60 -3.77 -27.41 31.24
CA GLU H 60 -3.89 -26.41 32.30
C GLU H 60 -5.28 -26.39 32.90
N ARG H 61 -6.26 -26.04 32.08
CA ARG H 61 -7.65 -25.98 32.52
C ARG H 61 -8.50 -26.94 31.71
N VAL H 62 -9.57 -27.42 32.33
CA VAL H 62 -10.48 -28.35 31.68
C VAL H 62 -11.89 -28.16 32.21
N GLU H 63 -12.69 -27.37 31.48
CA GLU H 63 -14.06 -27.12 31.86
C GLU H 63 -14.97 -28.04 31.05
N ASP H 64 -15.44 -29.11 31.68
CA ASP H 64 -16.31 -30.09 31.04
C ASP H 64 -17.26 -29.53 29.99
N ASN H 65 -17.13 -30.03 28.76
CA ASN H 65 -17.98 -29.61 27.66
C ASN H 65 -17.98 -28.11 27.42
N GLN H 66 -16.91 -27.43 27.83
CA GLN H 66 -16.88 -25.98 27.64
C GLN H 66 -15.53 -25.42 27.23
N LEU H 67 -14.49 -25.71 28.00
CA LEU H 67 -13.17 -25.19 27.69
C LEU H 67 -12.04 -26.16 27.97
N ILE H 68 -10.87 -25.84 27.45
CA ILE H 68 -9.68 -26.66 27.63
C ILE H 68 -8.49 -25.82 27.19
N ALA H 69 -7.35 -25.97 27.86
CA ALA H 69 -6.17 -25.20 27.52
C ALA H 69 -4.87 -25.93 27.84
N PHE H 70 -3.87 -25.69 27.01
CA PHE H 70 -2.55 -26.29 27.18
C PHE H 70 -1.55 -25.51 26.36
N THR H 71 -0.27 -25.69 26.62
CA THR H 71 0.75 -24.94 25.90
C THR H 71 1.68 -25.83 25.08
N TRP H 72 2.00 -25.35 23.88
CA TRP H 72 2.89 -26.05 22.97
C TRP H 72 3.95 -25.07 22.47
N GLY H 73 5.21 -25.33 22.80
CA GLY H 73 6.27 -24.45 22.39
C GLY H 73 6.17 -23.11 23.09
N ALA H 74 5.67 -22.09 22.38
CA ALA H 74 5.52 -20.76 22.96
C ALA H 74 4.17 -20.16 22.56
N HIS H 75 3.25 -21.03 22.15
CA HIS H 75 1.93 -20.56 21.75
C HIS H 75 0.80 -21.28 22.46
N PRO H 76 0.27 -20.67 23.53
CA PRO H 76 -0.83 -21.22 24.33
C PRO H 76 -2.04 -21.50 23.44
N ILE H 77 -2.70 -22.63 23.67
CA ILE H 77 -3.87 -23.01 22.88
C ILE H 77 -5.09 -23.26 23.77
N THR H 78 -6.26 -22.96 23.23
CA THR H 78 -7.51 -23.17 23.96
C THR H 78 -8.63 -23.58 23.00
N ILE H 79 -9.44 -24.55 23.40
CA ILE H 79 -10.54 -25.00 22.57
C ILE H 79 -11.86 -24.79 23.30
N GLN H 80 -12.75 -23.98 22.71
CA GLN H 80 -14.04 -23.69 23.32
C GLN H 80 -15.23 -24.26 22.56
N PHE H 81 -16.21 -24.77 23.31
CA PHE H 81 -17.41 -25.35 22.73
C PHE H 81 -18.63 -24.57 23.20
N GLU H 82 -19.50 -24.22 22.26
CA GLU H 82 -20.70 -23.49 22.60
C GLU H 82 -21.93 -24.05 21.90
N GLU H 83 -22.94 -24.38 22.69
CA GLU H 83 -24.18 -24.95 22.18
C GLU H 83 -24.81 -24.06 21.11
N SER H 84 -25.24 -24.70 20.01
CA SER H 84 -25.87 -23.96 18.92
C SER H 84 -27.14 -24.70 18.52
N GLU H 85 -28.04 -23.99 17.85
CA GLU H 85 -29.30 -24.55 17.41
C GLU H 85 -29.11 -25.90 16.72
N ALA H 86 -28.16 -25.96 15.80
CA ALA H 86 -27.87 -27.17 15.06
C ALA H 86 -27.04 -28.16 15.86
N GLY H 87 -26.18 -27.66 16.75
CA GLY H 87 -25.36 -28.55 17.54
C GLY H 87 -24.30 -27.88 18.41
N THR H 88 -23.09 -27.74 17.88
CA THR H 88 -22.00 -27.13 18.62
C THR H 88 -21.10 -26.26 17.76
N VAL H 89 -20.64 -25.15 18.34
CA VAL H 89 -19.74 -24.23 17.66
C VAL H 89 -18.39 -24.33 18.36
N VAL H 90 -17.42 -24.98 17.70
CA VAL H 90 -16.09 -25.13 18.28
C VAL H 90 -15.20 -23.97 17.93
N THR H 91 -14.54 -23.39 18.93
CA THR H 91 -13.64 -22.27 18.70
C THR H 91 -12.23 -22.62 19.14
N THR H 92 -11.30 -22.68 18.19
CA THR H 92 -9.91 -22.99 18.50
C THR H 92 -9.12 -21.68 18.51
N THR H 93 -8.12 -21.58 19.38
CA THR H 93 -7.33 -20.36 19.51
C THR H 93 -5.85 -20.61 19.83
N GLU H 94 -4.96 -20.04 19.02
CA GLU H 94 -3.52 -20.17 19.25
C GLU H 94 -3.06 -18.72 19.43
N LYS H 95 -2.71 -18.39 20.68
CA LYS H 95 -2.30 -17.03 21.05
C LYS H 95 -0.82 -16.68 20.91
N ASP H 96 -0.52 -15.41 21.16
CA ASP H 96 0.85 -14.90 21.11
C ASP H 96 1.63 -15.18 19.85
N PHE H 97 1.27 -14.50 18.77
CA PHE H 97 1.95 -14.66 17.49
C PHE H 97 2.52 -13.36 16.96
N ASP H 98 3.70 -13.45 16.35
CA ASP H 98 4.37 -12.29 15.77
C ASP H 98 3.95 -12.18 14.30
N THR H 99 3.43 -11.02 13.90
CA THR H 99 3.01 -10.83 12.52
C THR H 99 4.22 -10.82 11.58
N GLN H 100 5.37 -11.22 12.11
CA GLN H 100 6.59 -11.28 11.33
C GLN H 100 6.36 -12.19 10.12
N ASP H 101 6.45 -13.50 10.35
CA ASP H 101 6.25 -14.50 9.30
C ASP H 101 4.79 -14.65 8.92
N VAL H 102 4.35 -13.94 7.90
CA VAL H 102 2.97 -14.05 7.48
C VAL H 102 2.70 -15.48 6.98
N LYS H 103 3.62 -16.03 6.20
CA LYS H 103 3.41 -17.38 5.69
C LYS H 103 3.22 -18.40 6.81
N GLN H 104 4.03 -18.27 7.86
CA GLN H 104 3.95 -19.18 9.01
C GLN H 104 2.59 -19.06 9.68
N LEU H 105 2.10 -17.84 9.84
CA LEU H 105 0.79 -17.60 10.44
C LEU H 105 -0.30 -18.26 9.60
N LEU H 106 -0.20 -18.12 8.28
CA LEU H 106 -1.19 -18.71 7.37
C LEU H 106 -1.12 -20.23 7.42
N GLY H 107 0.08 -20.76 7.60
CA GLY H 107 0.28 -22.19 7.68
C GLY H 107 -0.44 -22.76 8.89
N GLN H 108 -0.38 -22.06 10.02
CA GLN H 108 -1.06 -22.52 11.23
C GLN H 108 -2.57 -22.40 11.07
N LYS H 109 -3.03 -21.33 10.42
CA LYS H 109 -4.45 -21.14 10.21
C LYS H 109 -4.97 -22.34 9.43
N GLU H 110 -4.19 -22.76 8.44
CA GLU H 110 -4.53 -23.90 7.61
C GLU H 110 -4.68 -25.15 8.47
N GLY H 111 -3.76 -25.33 9.40
CA GLY H 111 -3.79 -26.48 10.29
C GLY H 111 -5.07 -26.55 11.11
N TRP H 112 -5.52 -25.41 11.62
CA TRP H 112 -6.74 -25.36 12.43
C TRP H 112 -8.01 -25.61 11.64
N VAL H 113 -8.12 -25.02 10.45
CA VAL H 113 -9.30 -25.20 9.63
C VAL H 113 -9.40 -26.65 9.19
N TYR H 114 -8.26 -27.22 8.83
CA TYR H 114 -8.22 -28.60 8.41
C TYR H 114 -8.55 -29.56 9.56
N MSE H 115 -7.91 -29.36 10.72
CA MSE H 115 -8.17 -30.22 11.89
C MSE H 115 -9.66 -30.21 12.25
O MSE H 115 -10.25 -31.27 12.51
CB MSE H 115 -7.37 -29.75 13.11
CG MSE H 115 -7.55 -30.60 14.38
SE MSE H 115 -9.04 -30.29 15.36
CE MSE H 115 -8.36 -29.12 16.59
N LEU H 116 -10.26 -29.03 12.27
CA LEU H 116 -11.67 -28.89 12.59
C LEU H 116 -12.55 -29.54 11.52
N SER H 117 -12.13 -29.44 10.26
CA SER H 117 -12.89 -30.06 9.18
C SER H 117 -12.89 -31.57 9.37
N CYS H 118 -11.76 -32.11 9.81
CA CYS H 118 -11.62 -33.55 10.04
C CYS H 118 -12.54 -33.95 11.20
N LEU H 119 -12.51 -33.16 12.26
CA LEU H 119 -13.34 -33.39 13.44
C LEU H 119 -14.82 -33.42 13.05
N LYS H 120 -15.20 -32.54 12.13
CA LYS H 120 -16.59 -32.44 11.68
C LYS H 120 -17.05 -33.68 10.91
N VAL H 121 -16.23 -34.15 9.99
CA VAL H 121 -16.59 -35.34 9.21
C VAL H 121 -16.66 -36.57 10.12
N TYR H 122 -15.72 -36.65 11.05
CA TYR H 122 -15.67 -37.76 11.99
C TYR H 122 -16.93 -37.85 12.85
N LEU H 123 -17.25 -36.76 13.55
CA LEU H 123 -18.42 -36.73 14.42
C LEU H 123 -19.77 -36.75 13.72
N GLU H 124 -19.83 -36.19 12.52
CA GLU H 124 -21.07 -36.14 11.77
C GLU H 124 -21.33 -37.30 10.83
N HIS H 125 -20.27 -37.96 10.36
CA HIS H 125 -20.42 -39.05 9.41
C HIS H 125 -19.70 -40.34 9.76
N GLY H 126 -18.88 -40.30 10.81
CA GLY H 126 -18.15 -41.49 11.20
C GLY H 126 -16.97 -41.84 10.31
N VAL H 127 -16.81 -41.10 9.21
CA VAL H 127 -15.70 -41.34 8.29
C VAL H 127 -14.59 -40.32 8.52
N THR H 128 -13.34 -40.76 8.38
CA THR H 128 -12.21 -39.88 8.60
C THR H 128 -11.30 -39.66 7.40
N ILE H 129 -10.60 -38.54 7.39
CA ILE H 129 -9.66 -38.23 6.32
C ILE H 129 -8.29 -38.08 6.97
N ARG H 130 -7.23 -38.19 6.17
CA ARG H 130 -5.86 -38.10 6.67
C ARG H 130 -5.66 -36.92 7.64
N ALA H 131 -5.53 -37.22 8.92
CA ALA H 131 -5.33 -36.20 9.93
C ALA H 131 -3.89 -35.70 9.89
N ALA H 132 -3.67 -34.48 10.40
CA ALA H 132 -2.33 -33.88 10.39
C ALA H 132 -1.87 -33.54 11.81
N ILE H 133 -0.54 -33.43 11.98
CA ILE H 133 0.06 -33.10 13.28
C ILE H 133 -0.39 -31.74 13.77
N LEU H 134 -0.27 -30.74 12.90
CA LEU H 134 -0.67 -29.37 13.22
C LEU H 134 0.25 -28.74 14.28
N LEU H 135 0.35 -29.40 15.42
CA LEU H 135 1.18 -28.91 16.51
C LEU H 135 2.54 -29.62 16.57
#